data_4GM8
#
_entry.id   4GM8
#
_cell.length_a   48.861
_cell.length_b   106.478
_cell.length_c   120.719
_cell.angle_alpha   90.00
_cell.angle_beta   90.35
_cell.angle_gamma   90.00
#
_symmetry.space_group_name_H-M   'P 1 21 1'
#
loop_
_entity.id
_entity.type
_entity.pdbx_description
1 polymer 'WD repeat-containing protein 5'
2 polymer MM-102
3 water water
#
loop_
_entity_poly.entity_id
_entity_poly.type
_entity_poly.pdbx_seq_one_letter_code
_entity_poly.pdbx_strand_id
1 'polypeptide(L)'
;SATQSKPTPVKPNYALKFTLAGHTKAVSSVKFSPNGEWLASSSADKLIKIWGAYDGKFEKTISGHKLGISDVAWSSDSNL
LVSASDDKTLKIWDVSSGKCLKTLKGHSNYVFCCNFNPQSNLIVSGSFDESVRIWDVKTGKCLKTLPAHSDPVSAVHFNR
DGSLIVSSSYDGLCRIWDTASGQCLKTLIDDDNPPVSFVKFSPNGKYILAATLDNTLKLWDYSKGKCLKTYTGHKNEKYC
IFANFSVTGGKWIVSGSEDNLVYIWNLQTKEIVQKLQGHTDVVISTACHPTENIIASAALENDKTIKLWKSDC
;
A,B,C,D
2 'polypeptide(L)' (ALQ)(0XL)R(AC5)(0XN) E,F,G,H
#
loop_
_chem_comp.id
_chem_comp.type
_chem_comp.name
_chem_comp.formula
0XN non-polymer 1,1-bis(4-fluorophenyl)methanamine 'C13 H11 F2 N'
ALQ non-polymer '2-METHYL-PROPIONIC ACID' 'C4 H8 O2'
#
# COMPACT_ATOMS: atom_id res chain seq x y z
N VAL A 10 -9.84 0.40 35.72
CA VAL A 10 -9.95 0.82 37.11
C VAL A 10 -10.28 2.30 37.23
N LYS A 11 -9.41 3.15 36.71
CA LYS A 11 -9.62 4.59 36.72
C LYS A 11 -9.38 5.16 35.33
N PRO A 12 -10.25 6.07 34.90
CA PRO A 12 -10.11 6.78 33.63
C PRO A 12 -8.97 7.79 33.73
N ASN A 13 -8.64 8.43 32.61
CA ASN A 13 -7.51 9.35 32.57
C ASN A 13 -7.85 10.51 31.66
N TYR A 14 -9.06 11.04 31.79
CA TYR A 14 -9.46 12.17 30.97
C TYR A 14 -8.40 13.28 31.01
N ALA A 15 -8.09 13.84 29.84
CA ALA A 15 -7.12 14.92 29.75
C ALA A 15 -7.66 15.99 28.80
N LEU A 16 -7.26 17.23 29.04
CA LEU A 16 -7.81 18.34 28.28
C LEU A 16 -7.35 18.28 26.84
N LYS A 17 -8.28 18.43 25.90
CA LYS A 17 -7.95 18.47 24.47
C LYS A 17 -8.26 19.82 23.82
N PHE A 18 -9.47 20.30 24.05
CA PHE A 18 -9.90 21.56 23.47
C PHE A 18 -10.72 22.41 24.44
N THR A 19 -10.43 23.71 24.44
CA THR A 19 -11.32 24.66 25.07
C THR A 19 -12.02 25.42 23.96
N LEU A 20 -13.35 25.32 23.91
CA LEU A 20 -14.10 25.99 22.86
C LEU A 20 -14.65 27.32 23.36
N ALA A 21 -14.27 28.41 22.71
CA ALA A 21 -14.75 29.74 23.11
C ALA A 21 -15.61 30.38 22.03
N GLY A 22 -16.60 31.15 22.45
CA GLY A 22 -17.47 31.80 21.49
C GLY A 22 -18.75 32.36 22.10
N HIS A 23 -19.25 31.68 23.11
CA HIS A 23 -20.43 32.18 23.79
C HIS A 23 -20.04 33.40 24.61
N THR A 24 -20.85 34.45 24.51
CA THR A 24 -20.58 35.71 25.21
C THR A 24 -21.21 35.81 26.61
N LYS A 25 -22.12 34.89 26.95
CA LYS A 25 -22.59 34.78 28.33
C LYS A 25 -22.48 33.32 28.78
N ALA A 26 -22.92 33.02 30.00
CA ALA A 26 -22.85 31.66 30.54
C ALA A 26 -23.45 30.59 29.60
N VAL A 27 -22.78 29.45 29.54
CA VAL A 27 -23.26 28.32 28.76
C VAL A 27 -24.23 27.49 29.60
N SER A 28 -25.41 27.22 29.05
CA SER A 28 -26.43 26.48 29.79
C SER A 28 -26.34 24.96 29.66
N SER A 29 -26.13 24.42 28.44
CA SER A 29 -26.00 22.96 28.30
C SER A 29 -25.22 22.49 27.07
N VAL A 30 -24.51 21.38 27.23
CA VAL A 30 -23.88 20.69 26.09
C VAL A 30 -24.48 19.30 25.79
N LYS A 31 -24.58 18.98 24.51
CA LYS A 31 -25.14 17.70 24.08
C LYS A 31 -24.45 17.23 22.80
N PHE A 32 -23.80 16.07 22.85
CA PHE A 32 -23.28 15.45 21.65
C PHE A 32 -24.41 14.93 20.80
N SER A 33 -24.35 15.19 19.49
CA SER A 33 -25.29 14.58 18.56
C SER A 33 -25.14 13.04 18.57
N PRO A 34 -26.23 12.30 18.29
CA PRO A 34 -26.14 10.84 18.33
C PRO A 34 -25.13 10.25 17.34
N ASN A 35 -24.95 10.87 16.18
CA ASN A 35 -23.99 10.36 15.18
C ASN A 35 -22.54 10.65 15.59
N GLY A 36 -22.37 11.28 16.74
CA GLY A 36 -21.06 11.50 17.33
C GLY A 36 -20.21 12.58 16.72
N GLU A 37 -20.73 13.30 15.72
CA GLU A 37 -19.92 14.27 14.96
C GLU A 37 -19.81 15.65 15.59
N TRP A 38 -20.92 16.13 16.14
CA TRP A 38 -20.95 17.48 16.68
C TRP A 38 -21.28 17.56 18.14
N LEU A 39 -21.21 18.78 18.65
CA LEU A 39 -21.64 19.10 19.99
C LEU A 39 -22.51 20.36 19.84
N ALA A 40 -23.64 20.39 20.52
CA ALA A 40 -24.46 21.59 20.49
C ALA A 40 -24.43 22.20 21.87
N SER A 41 -24.33 23.53 21.92
CA SER A 41 -24.37 24.25 23.19
C SER A 41 -25.41 25.35 23.15
N SER A 42 -26.04 25.59 24.29
CA SER A 42 -27.02 26.66 24.44
C SER A 42 -26.45 27.57 25.49
N SER A 43 -26.95 28.79 25.57
CA SER A 43 -26.35 29.79 26.45
C SER A 43 -27.27 30.96 26.77
N ALA A 44 -27.02 31.59 27.91
CA ALA A 44 -27.73 32.80 28.32
C ALA A 44 -27.64 33.90 27.28
N ASP A 45 -26.77 33.71 26.28
CA ASP A 45 -26.61 34.73 25.25
C ASP A 45 -27.61 34.55 24.08
N LYS A 46 -28.62 33.72 24.31
CA LYS A 46 -29.73 33.54 23.36
C LYS A 46 -29.37 32.66 22.19
N LEU A 47 -28.16 32.10 22.21
CA LEU A 47 -27.65 31.39 21.03
C LEU A 47 -27.40 29.92 21.25
N ILE A 48 -27.61 29.19 20.16
CA ILE A 48 -27.15 27.83 20.05
C ILE A 48 -25.90 27.82 19.17
N LYS A 49 -24.84 27.15 19.62
CA LYS A 49 -23.66 27.02 18.77
C LYS A 49 -23.32 25.56 18.48
N ILE A 50 -22.93 25.26 17.25
CA ILE A 50 -22.58 23.89 16.87
C ILE A 50 -21.05 23.78 16.72
N TRP A 51 -20.46 22.78 17.37
CA TRP A 51 -19.01 22.59 17.31
C TRP A 51 -18.66 21.18 16.83
N GLY A 52 -17.45 21.02 16.30
CA GLY A 52 -16.98 19.71 15.88
C GLY A 52 -16.56 18.90 17.09
N ALA A 53 -17.01 17.65 17.16
CA ALA A 53 -16.74 16.82 18.32
C ALA A 53 -15.26 16.41 18.41
N TYR A 54 -14.62 16.26 17.25
CA TYR A 54 -13.30 15.70 17.22
C TYR A 54 -12.21 16.76 17.22
N ASP A 55 -12.52 17.94 16.66
CA ASP A 55 -11.54 19.00 16.52
C ASP A 55 -11.81 20.22 17.38
N GLY A 56 -13.07 20.35 17.82
CA GLY A 56 -13.47 21.48 18.65
C GLY A 56 -13.73 22.78 17.89
N LYS A 57 -13.96 22.65 16.59
CA LYS A 57 -14.10 23.82 15.73
C LYS A 57 -15.53 24.32 15.71
N PHE A 58 -15.70 25.63 15.82
CA PHE A 58 -16.98 26.28 15.64
C PHE A 58 -17.53 26.03 14.25
N GLU A 59 -18.77 25.56 14.16
CA GLU A 59 -19.41 25.21 12.89
C GLU A 59 -20.42 26.28 12.51
N LYS A 60 -21.23 26.68 13.49
CA LYS A 60 -22.27 27.69 13.24
C LYS A 60 -22.99 28.15 14.48
N THR A 61 -23.69 29.28 14.34
CA THR A 61 -24.56 29.84 15.37
C THR A 61 -26.01 29.71 14.91
N ILE A 62 -26.89 29.37 15.83
CA ILE A 62 -28.32 29.27 15.57
C ILE A 62 -29.02 30.30 16.46
N SER A 63 -29.71 31.25 15.86
CA SER A 63 -30.35 32.31 16.65
C SER A 63 -31.79 32.52 16.24
N GLY A 64 -32.57 33.16 17.11
CA GLY A 64 -33.97 33.38 16.85
C GLY A 64 -34.77 33.56 18.14
N HIS A 65 -34.31 32.90 19.19
CA HIS A 65 -34.93 33.03 20.51
C HIS A 65 -34.81 34.46 20.98
N LYS A 66 -35.76 34.89 21.80
CA LYS A 66 -35.81 36.27 22.24
C LYS A 66 -35.19 36.48 23.63
N LEU A 67 -35.08 35.40 24.40
CA LEU A 67 -34.38 35.47 25.67
C LEU A 67 -33.45 34.30 25.72
N GLY A 68 -32.82 34.09 26.87
CA GLY A 68 -31.85 33.03 27.02
C GLY A 68 -32.38 31.63 26.77
N ILE A 69 -31.47 30.65 26.79
CA ILE A 69 -31.83 29.28 26.50
C ILE A 69 -31.23 28.38 27.57
N SER A 70 -32.06 27.57 28.20
CA SER A 70 -31.65 26.77 29.35
C SER A 70 -31.30 25.33 28.99
N ASP A 71 -31.74 24.90 27.81
CA ASP A 71 -31.50 23.53 27.39
C ASP A 71 -31.56 23.37 25.87
N VAL A 72 -30.90 22.33 25.38
CA VAL A 72 -30.94 21.99 23.98
C VAL A 72 -30.80 20.46 23.82
N ALA A 73 -31.52 19.89 22.88
CA ALA A 73 -31.48 18.45 22.68
C ALA A 73 -31.53 18.10 21.20
N TRP A 74 -30.77 17.07 20.82
CA TRP A 74 -30.76 16.54 19.44
C TRP A 74 -31.88 15.51 19.18
N SER A 75 -32.36 15.44 17.94
CA SER A 75 -33.24 14.34 17.50
C SER A 75 -32.39 13.12 17.17
N SER A 76 -33.02 11.96 17.05
CA SER A 76 -32.28 10.69 16.95
C SER A 76 -31.40 10.55 15.71
N ASP A 77 -31.81 11.17 14.60
CA ASP A 77 -31.03 11.11 13.38
C ASP A 77 -30.09 12.32 13.23
N SER A 78 -29.92 13.08 14.30
CA SER A 78 -29.01 14.23 14.30
C SER A 78 -29.39 15.33 13.30
N ASN A 79 -30.59 15.25 12.72
CA ASN A 79 -31.05 16.29 11.79
C ASN A 79 -31.66 17.52 12.47
N LEU A 80 -32.14 17.36 13.69
CA LEU A 80 -32.89 18.42 14.36
C LEU A 80 -32.39 18.76 15.76
N LEU A 81 -32.56 20.03 16.13
CA LEU A 81 -32.40 20.44 17.52
C LEU A 81 -33.72 20.96 18.04
N VAL A 82 -33.90 20.84 19.35
CA VAL A 82 -34.98 21.55 20.01
C VAL A 82 -34.29 22.33 21.12
N SER A 83 -34.83 23.51 21.42
CA SER A 83 -34.26 24.37 22.44
C SER A 83 -35.34 24.94 23.35
N ALA A 84 -34.99 25.14 24.62
CA ALA A 84 -35.95 25.58 25.64
C ALA A 84 -35.58 26.97 26.17
N SER A 85 -36.42 27.95 25.89
CA SER A 85 -36.04 29.33 26.15
C SER A 85 -36.90 30.06 27.18
N ASP A 86 -36.36 31.14 27.74
CA ASP A 86 -37.13 31.96 28.65
C ASP A 86 -38.22 32.73 27.92
N ASP A 87 -38.11 32.83 26.59
CA ASP A 87 -39.13 33.53 25.83
C ASP A 87 -40.47 32.80 25.84
N LYS A 88 -40.58 31.75 26.66
CA LYS A 88 -41.82 30.97 26.83
C LYS A 88 -42.11 29.95 25.72
N THR A 89 -41.13 29.72 24.87
CA THR A 89 -41.32 28.80 23.77
C THR A 89 -40.21 27.75 23.66
N LEU A 90 -40.44 26.76 22.81
CA LEU A 90 -39.37 25.89 22.33
C LEU A 90 -39.23 26.12 20.85
N LYS A 91 -38.05 25.88 20.32
CA LYS A 91 -37.89 25.96 18.88
C LYS A 91 -37.34 24.66 18.29
N ILE A 92 -37.89 24.25 17.15
CA ILE A 92 -37.32 23.12 16.43
C ILE A 92 -36.45 23.62 15.28
N TRP A 93 -35.19 23.23 15.29
CA TRP A 93 -34.25 23.72 14.30
C TRP A 93 -33.81 22.66 13.33
N ASP A 94 -33.71 23.04 12.07
CA ASP A 94 -32.99 22.24 11.09
C ASP A 94 -31.48 22.43 11.28
N VAL A 95 -30.80 21.39 11.75
CA VAL A 95 -29.38 21.57 12.06
C VAL A 95 -28.50 21.94 10.86
N SER A 96 -28.89 21.53 9.66
CA SER A 96 -28.10 21.86 8.48
C SER A 96 -28.35 23.27 7.97
N SER A 97 -29.62 23.61 7.74
CA SER A 97 -29.95 24.92 7.21
C SER A 97 -29.79 26.00 8.27
N GLY A 98 -29.90 25.62 9.53
CA GLY A 98 -29.83 26.59 10.61
C GLY A 98 -31.18 27.25 10.91
N LYS A 99 -32.18 27.00 10.07
CA LYS A 99 -33.46 27.70 10.16
C LYS A 99 -34.43 27.11 11.18
N CYS A 100 -35.31 27.95 11.72
CA CYS A 100 -36.33 27.51 12.70
C CYS A 100 -37.49 26.91 11.95
N LEU A 101 -37.76 25.61 12.18
CA LEU A 101 -38.87 24.93 11.52
C LEU A 101 -40.22 25.16 12.21
N LYS A 102 -40.23 25.02 13.53
CA LYS A 102 -41.45 25.20 14.30
C LYS A 102 -41.14 26.01 15.55
N THR A 103 -42.15 26.71 16.04
CA THR A 103 -42.10 27.35 17.33
C THR A 103 -43.21 26.75 18.16
N LEU A 104 -42.82 26.11 19.26
CA LEU A 104 -43.79 25.45 20.12
C LEU A 104 -44.28 26.42 21.20
N LYS A 105 -45.54 26.87 21.08
CA LYS A 105 -46.13 27.82 22.03
C LYS A 105 -47.22 27.18 22.88
N GLY A 106 -47.14 27.40 24.18
CA GLY A 106 -48.14 26.92 25.11
C GLY A 106 -47.78 27.20 26.56
N HIS A 107 -46.52 26.99 26.91
CA HIS A 107 -46.07 27.24 28.27
C HIS A 107 -46.36 28.68 28.70
N SER A 108 -46.56 28.88 30.00
CA SER A 108 -46.90 30.20 30.50
C SER A 108 -45.73 30.81 31.30
N ASN A 109 -44.54 30.29 31.07
CA ASN A 109 -43.38 30.77 31.79
C ASN A 109 -42.10 30.20 31.17
N TYR A 110 -40.93 30.45 31.78
CA TYR A 110 -39.67 30.04 31.17
C TYR A 110 -39.77 28.57 30.81
N VAL A 111 -39.35 28.21 29.61
CA VAL A 111 -39.14 26.79 29.31
C VAL A 111 -37.74 26.39 29.76
N PHE A 112 -37.63 25.32 30.54
CA PHE A 112 -36.39 24.99 31.25
C PHE A 112 -35.65 23.78 30.68
N CYS A 113 -36.38 22.74 30.31
CA CYS A 113 -35.75 21.49 29.87
C CYS A 113 -36.54 20.89 28.70
N CYS A 114 -35.89 20.02 27.94
CA CYS A 114 -36.50 19.47 26.74
C CYS A 114 -35.75 18.27 26.22
N ASN A 115 -36.45 17.44 25.43
CA ASN A 115 -35.91 16.20 24.85
C ASN A 115 -36.81 15.62 23.77
N PHE A 116 -36.25 14.96 22.78
CA PHE A 116 -37.05 14.14 21.86
C PHE A 116 -37.24 12.77 22.49
N ASN A 117 -38.30 12.08 22.08
CA ASN A 117 -38.37 10.63 22.33
C ASN A 117 -37.43 9.89 21.36
N PRO A 118 -37.05 8.64 21.67
CA PRO A 118 -36.15 7.94 20.74
C PRO A 118 -36.66 7.96 19.29
N GLN A 119 -37.95 7.76 19.09
CA GLN A 119 -38.55 7.82 17.77
C GLN A 119 -38.36 9.23 17.18
N SER A 120 -38.34 10.21 18.07
CA SER A 120 -38.11 11.61 17.71
C SER A 120 -39.24 12.20 16.86
N ASN A 121 -40.46 11.80 17.18
CA ASN A 121 -41.62 12.47 16.63
C ASN A 121 -42.38 13.18 17.73
N LEU A 122 -41.94 13.00 18.98
CA LEU A 122 -42.46 13.78 20.10
C LEU A 122 -41.35 14.53 20.80
N ILE A 123 -41.70 15.70 21.35
CA ILE A 123 -40.80 16.43 22.23
C ILE A 123 -41.42 16.55 23.63
N VAL A 124 -40.61 16.33 24.66
CA VAL A 124 -41.06 16.59 26.02
C VAL A 124 -40.40 17.87 26.53
N SER A 125 -41.19 18.71 27.20
CA SER A 125 -40.65 19.94 27.79
C SER A 125 -41.06 20.13 29.25
N GLY A 126 -40.24 20.88 29.99
CA GLY A 126 -40.52 21.17 31.37
C GLY A 126 -40.39 22.66 31.61
N SER A 127 -41.26 23.20 32.44
CA SER A 127 -41.38 24.66 32.54
C SER A 127 -41.45 25.14 33.97
N PHE A 128 -41.34 26.45 34.15
CA PHE A 128 -41.48 27.07 35.46
C PHE A 128 -42.95 27.33 35.78
N ASP A 129 -43.81 27.13 34.79
CA ASP A 129 -45.25 27.02 35.00
C ASP A 129 -45.65 25.63 35.53
N GLU A 130 -44.64 24.81 35.83
CA GLU A 130 -44.79 23.52 36.54
C GLU A 130 -45.44 22.43 35.72
N SER A 131 -45.70 22.69 34.45
CA SER A 131 -46.23 21.65 33.60
C SER A 131 -45.10 20.90 32.88
N VAL A 132 -45.40 19.66 32.49
CA VAL A 132 -44.63 18.94 31.48
C VAL A 132 -45.51 18.88 30.23
N ARG A 133 -44.99 19.34 29.11
CA ARG A 133 -45.76 19.28 27.85
C ARG A 133 -45.17 18.31 26.86
N ILE A 134 -46.05 17.71 26.06
CA ILE A 134 -45.65 16.78 25.04
C ILE A 134 -46.12 17.26 23.67
N TRP A 135 -45.16 17.54 22.80
CA TRP A 135 -45.43 18.20 21.52
C TRP A 135 -45.25 17.26 20.34
N ASP A 136 -46.11 17.41 19.33
CA ASP A 136 -45.94 16.66 18.10
C ASP A 136 -44.91 17.37 17.21
N VAL A 137 -43.78 16.73 16.97
CA VAL A 137 -42.69 17.31 16.20
C VAL A 137 -43.11 17.81 14.81
N LYS A 138 -43.93 17.03 14.11
CA LYS A 138 -44.24 17.36 12.71
C LYS A 138 -45.24 18.50 12.53
N THR A 139 -46.24 18.56 13.41
CA THR A 139 -47.25 19.62 13.32
C THR A 139 -46.94 20.80 14.25
N GLY A 140 -46.29 20.51 15.37
CA GLY A 140 -45.93 21.53 16.34
C GLY A 140 -46.97 21.78 17.41
N LYS A 141 -47.99 20.91 17.50
CA LYS A 141 -49.07 21.11 18.43
C LYS A 141 -48.76 20.48 19.77
N CYS A 142 -49.33 21.05 20.82
CA CYS A 142 -49.22 20.47 22.15
C CYS A 142 -50.29 19.40 22.27
N LEU A 143 -49.86 18.16 22.42
CA LEU A 143 -50.78 17.05 22.47
C LEU A 143 -51.30 16.91 23.89
N LYS A 144 -50.40 16.99 24.86
CA LYS A 144 -50.78 16.86 26.26
C LYS A 144 -50.10 17.92 27.13
N THR A 145 -50.84 18.40 28.13
CA THR A 145 -50.27 19.18 29.19
C THR A 145 -50.50 18.45 30.49
N LEU A 146 -49.42 18.20 31.24
CA LEU A 146 -49.51 17.55 32.53
C LEU A 146 -49.23 18.57 33.63
N PRO A 147 -50.16 18.73 34.57
CA PRO A 147 -49.86 19.52 35.77
C PRO A 147 -48.95 18.69 36.67
N ALA A 148 -47.69 18.60 36.28
CA ALA A 148 -46.82 17.57 36.84
C ALA A 148 -46.33 17.84 38.26
N HIS A 149 -45.99 19.08 38.56
CA HIS A 149 -45.39 19.40 39.85
C HIS A 149 -45.98 20.63 40.54
N SER A 150 -45.61 20.81 41.80
CA SER A 150 -46.03 21.97 42.58
C SER A 150 -44.85 22.90 42.72
N ASP A 151 -43.90 22.75 41.79
CA ASP A 151 -42.72 23.60 41.74
C ASP A 151 -42.17 23.53 40.33
N PRO A 152 -41.32 24.48 39.95
CA PRO A 152 -40.83 24.46 38.58
C PRO A 152 -40.26 23.08 38.19
N VAL A 153 -40.41 22.71 36.93
CA VAL A 153 -39.92 21.43 36.44
C VAL A 153 -38.47 21.61 36.03
N SER A 154 -37.58 20.82 36.61
CA SER A 154 -36.14 20.99 36.34
C SER A 154 -35.51 19.98 35.34
N ALA A 155 -36.22 18.93 35.01
CA ALA A 155 -35.75 17.97 34.00
C ALA A 155 -36.88 17.09 33.48
N VAL A 156 -36.84 16.77 32.20
CA VAL A 156 -37.73 15.78 31.61
C VAL A 156 -36.90 14.85 30.78
N HIS A 157 -37.32 13.59 30.68
CA HIS A 157 -36.59 12.63 29.84
C HIS A 157 -37.44 11.43 29.43
N PHE A 158 -37.31 10.99 28.18
CA PHE A 158 -37.97 9.77 27.72
C PHE A 158 -37.13 8.54 28.03
N ASN A 159 -37.74 7.36 28.00
CA ASN A 159 -36.97 6.14 28.26
C ASN A 159 -36.64 5.41 26.94
N ARG A 160 -35.85 4.34 27.01
CA ARG A 160 -35.34 3.64 25.81
C ARG A 160 -36.34 3.42 24.67
N ASP A 161 -37.62 3.24 25.02
CA ASP A 161 -38.64 2.97 24.01
C ASP A 161 -39.70 4.08 23.83
N GLY A 162 -39.60 5.14 24.62
CA GLY A 162 -40.47 6.30 24.47
C GLY A 162 -41.82 6.17 25.15
N SER A 163 -41.97 5.13 25.95
CA SER A 163 -43.27 4.86 26.56
C SER A 163 -43.38 5.58 27.88
N LEU A 164 -42.22 5.90 28.47
CA LEU A 164 -42.17 6.54 29.77
C LEU A 164 -41.47 7.91 29.71
N ILE A 165 -41.90 8.81 30.59
CA ILE A 165 -41.24 10.10 30.77
C ILE A 165 -40.96 10.26 32.25
N VAL A 166 -39.72 10.56 32.62
CA VAL A 166 -39.45 10.87 34.00
C VAL A 166 -39.34 12.38 34.10
N SER A 167 -39.76 12.95 35.22
CA SER A 167 -39.62 14.40 35.43
C SER A 167 -39.29 14.68 36.88
N SER A 168 -38.61 15.78 37.14
CA SER A 168 -38.26 16.14 38.51
C SER A 168 -38.53 17.61 38.81
N SER A 169 -38.41 17.98 40.08
CA SER A 169 -38.84 19.31 40.47
C SER A 169 -38.21 19.75 41.79
N TYR A 170 -38.24 21.06 42.02
CA TYR A 170 -37.81 21.61 43.28
C TYR A 170 -38.74 21.12 44.41
N ASP A 171 -39.94 20.64 44.05
CA ASP A 171 -40.88 20.11 45.06
C ASP A 171 -40.35 18.84 45.75
N GLY A 172 -39.28 18.26 45.19
CA GLY A 172 -38.59 17.13 45.81
C GLY A 172 -38.95 15.75 45.30
N LEU A 173 -39.80 15.67 44.28
CA LEU A 173 -40.28 14.39 43.78
C LEU A 173 -39.81 14.15 42.38
N CYS A 174 -39.57 12.89 42.03
CA CYS A 174 -39.50 12.46 40.64
C CYS A 174 -40.79 11.72 40.29
N ARG A 175 -41.30 11.95 39.09
CA ARG A 175 -42.55 11.32 38.68
C ARG A 175 -42.41 10.66 37.30
N ILE A 176 -42.85 9.41 37.20
CA ILE A 176 -42.80 8.68 35.95
C ILE A 176 -44.17 8.68 35.29
N TRP A 177 -44.20 8.95 34.00
CA TRP A 177 -45.46 9.20 33.32
C TRP A 177 -45.62 8.23 32.19
N ASP A 178 -46.87 8.02 31.81
CA ASP A 178 -47.18 7.21 30.66
C ASP A 178 -47.36 8.15 29.48
N THR A 179 -46.41 8.12 28.57
CA THR A 179 -46.42 8.98 27.38
C THR A 179 -47.78 9.05 26.68
N ALA A 180 -48.47 7.91 26.59
CA ALA A 180 -49.65 7.81 25.74
C ALA A 180 -50.93 8.28 26.43
N SER A 181 -51.08 7.87 27.68
CA SER A 181 -52.27 8.23 28.47
C SER A 181 -52.13 9.59 29.15
N GLY A 182 -50.96 9.86 29.72
CA GLY A 182 -50.75 11.05 30.53
C GLY A 182 -50.78 10.71 32.00
N GLN A 183 -51.17 9.48 32.31
CA GLN A 183 -51.30 9.03 33.69
C GLN A 183 -49.98 9.01 34.41
N CYS A 184 -50.00 9.30 35.71
CA CYS A 184 -48.77 9.20 36.48
C CYS A 184 -48.61 7.79 37.03
N LEU A 185 -47.46 7.16 36.74
CA LEU A 185 -47.23 5.76 37.06
C LEU A 185 -46.53 5.51 38.37
N LYS A 186 -45.51 6.29 38.67
CA LYS A 186 -44.81 6.14 39.92
C LYS A 186 -44.19 7.45 40.36
N THR A 187 -43.91 7.56 41.65
CA THR A 187 -43.40 8.76 42.28
C THR A 187 -42.30 8.33 43.25
N LEU A 188 -41.12 8.91 43.13
CA LEU A 188 -40.03 8.53 44.04
C LEU A 188 -39.88 9.54 45.16
N ILE A 189 -39.81 9.05 46.39
CA ILE A 189 -39.70 9.95 47.53
C ILE A 189 -38.52 9.59 48.43
N ASP A 192 -35.82 11.12 52.72
CA ASP A 192 -36.24 12.51 52.65
C ASP A 192 -36.60 12.97 51.23
N ASN A 193 -36.72 14.30 51.07
CA ASN A 193 -37.18 14.90 49.81
C ASN A 193 -36.66 16.32 49.49
N PRO A 194 -35.32 16.48 49.42
CA PRO A 194 -34.72 17.75 48.99
C PRO A 194 -34.95 18.01 47.50
N PRO A 195 -34.76 19.24 47.04
CA PRO A 195 -35.08 19.58 45.65
C PRO A 195 -34.29 18.73 44.65
N VAL A 196 -34.99 18.24 43.64
CA VAL A 196 -34.36 17.44 42.59
C VAL A 196 -34.05 18.34 41.41
N SER A 197 -32.76 18.54 41.15
CA SER A 197 -32.29 19.44 40.12
C SER A 197 -32.04 18.78 38.77
N PHE A 198 -32.18 17.45 38.71
CA PHE A 198 -31.96 16.72 37.47
C PHE A 198 -32.35 15.24 37.59
N VAL A 199 -33.00 14.70 36.56
CA VAL A 199 -33.19 13.25 36.46
C VAL A 199 -33.09 12.80 35.02
N LYS A 200 -32.65 11.55 34.84
CA LYS A 200 -32.71 10.89 33.53
C LYS A 200 -32.72 9.39 33.74
N PHE A 201 -33.13 8.66 32.71
CA PHE A 201 -33.12 7.21 32.78
C PHE A 201 -31.72 6.74 32.48
N SER A 202 -31.37 5.58 33.04
CA SER A 202 -30.18 4.88 32.60
C SER A 202 -30.45 4.36 31.17
N PRO A 203 -29.39 4.00 30.42
CA PRO A 203 -29.53 3.64 29.01
C PRO A 203 -30.40 2.43 28.79
N ASN A 204 -30.29 1.44 29.70
CA ASN A 204 -31.19 0.29 29.71
C ASN A 204 -32.61 0.63 30.22
N GLY A 205 -32.78 1.81 30.81
CA GLY A 205 -34.08 2.29 31.22
C GLY A 205 -34.67 1.65 32.47
N LYS A 206 -33.80 1.03 33.27
CA LYS A 206 -34.23 0.27 34.44
C LYS A 206 -34.09 1.10 35.72
N TYR A 207 -33.11 2.00 35.69
CA TYR A 207 -32.84 2.88 36.82
C TYR A 207 -33.04 4.31 36.36
N ILE A 208 -33.18 5.22 37.31
CA ILE A 208 -33.14 6.64 36.99
C ILE A 208 -32.09 7.29 37.88
N LEU A 209 -31.42 8.29 37.33
CA LEU A 209 -30.38 9.00 38.05
C LEU A 209 -30.93 10.35 38.46
N ALA A 210 -30.81 10.67 39.73
CA ALA A 210 -31.38 11.93 40.22
C ALA A 210 -30.40 12.78 41.02
N ALA A 211 -30.29 14.05 40.67
CA ALA A 211 -29.45 14.99 41.42
C ALA A 211 -30.27 15.85 42.40
N THR A 212 -29.80 16.04 43.63
CA THR A 212 -30.53 16.92 44.54
C THR A 212 -29.65 18.06 45.08
N LEU A 213 -30.28 19.13 45.55
CA LEU A 213 -29.52 20.29 45.99
C LEU A 213 -29.00 20.10 47.40
N ASP A 214 -28.82 18.84 47.80
CA ASP A 214 -28.06 18.53 48.99
C ASP A 214 -26.73 17.80 48.65
N ASN A 215 -26.12 18.19 47.53
CA ASN A 215 -24.82 17.66 47.13
C ASN A 215 -24.82 16.15 46.99
N THR A 216 -25.78 15.61 46.23
CA THR A 216 -25.96 14.17 46.19
C THR A 216 -26.59 13.69 44.88
N LEU A 217 -25.98 12.71 44.23
CA LEU A 217 -26.62 11.97 43.14
C LEU A 217 -27.10 10.62 43.66
N LYS A 218 -28.36 10.27 43.37
CA LYS A 218 -28.87 8.98 43.80
C LYS A 218 -29.18 8.18 42.56
N LEU A 219 -28.96 6.87 42.62
CA LEU A 219 -29.36 5.98 41.54
C LEU A 219 -30.52 5.13 42.01
N TRP A 220 -31.64 5.21 41.31
CA TRP A 220 -32.86 4.57 41.77
C TRP A 220 -33.24 3.36 40.94
N ASP A 221 -33.58 2.26 41.59
CA ASP A 221 -34.27 1.20 40.87
C ASP A 221 -35.69 1.68 40.64
N TYR A 222 -35.99 1.95 39.37
CA TYR A 222 -37.25 2.57 38.98
C TYR A 222 -38.47 1.72 39.38
N SER A 223 -38.50 0.44 39.02
CA SER A 223 -39.66 -0.42 39.32
C SER A 223 -39.82 -0.79 40.81
N LYS A 224 -38.75 -1.23 41.47
CA LYS A 224 -38.82 -1.51 42.90
C LYS A 224 -38.91 -0.23 43.74
N GLY A 225 -39.03 0.92 43.08
CA GLY A 225 -39.05 2.21 43.74
C GLY A 225 -38.07 2.43 44.89
N LYS A 226 -36.87 1.85 44.84
CA LYS A 226 -35.90 2.06 45.92
C LYS A 226 -34.52 2.55 45.46
N CYS A 227 -33.76 3.13 46.38
CA CYS A 227 -32.47 3.76 46.10
C CYS A 227 -31.29 2.79 46.27
N LEU A 228 -30.55 2.58 45.19
CA LEU A 228 -29.51 1.56 45.13
C LEU A 228 -28.10 2.06 45.45
N LYS A 229 -27.86 3.33 45.16
CA LYS A 229 -26.52 3.88 45.28
C LYS A 229 -26.59 5.37 45.38
N THR A 230 -25.68 5.95 46.16
CA THR A 230 -25.60 7.41 46.25
C THR A 230 -24.17 7.92 46.07
N TYR A 231 -24.02 8.96 45.27
CA TYR A 231 -22.72 9.53 44.98
C TYR A 231 -22.60 10.94 45.51
N THR A 232 -21.52 11.21 46.22
CA THR A 232 -21.31 12.50 46.85
C THR A 232 -19.87 12.92 46.67
N GLY A 233 -19.55 14.10 47.18
CA GLY A 233 -18.19 14.61 47.09
C GLY A 233 -18.10 15.90 46.28
N HIS A 234 -19.10 16.16 45.46
CA HIS A 234 -19.14 17.39 44.68
C HIS A 234 -19.94 18.44 45.43
N LYS A 235 -19.97 19.67 44.88
CA LYS A 235 -20.77 20.75 45.45
C LYS A 235 -21.95 21.03 44.54
N ASN A 236 -23.15 20.99 45.09
CA ASN A 236 -24.35 21.24 44.29
C ASN A 236 -25.53 21.62 45.18
N GLU A 237 -25.80 22.92 45.26
CA GLU A 237 -26.81 23.46 46.17
C GLU A 237 -27.68 24.53 45.54
N LYS A 238 -27.36 24.91 44.31
CA LYS A 238 -28.03 26.03 43.66
C LYS A 238 -28.52 25.67 42.28
N TYR A 239 -27.61 25.16 41.46
CA TYR A 239 -27.88 25.05 40.03
C TYR A 239 -28.40 23.68 39.62
N CYS A 240 -29.22 23.67 38.57
CA CYS A 240 -29.65 22.44 37.96
C CYS A 240 -28.54 21.93 37.04
N ILE A 241 -27.67 21.11 37.61
CA ILE A 241 -26.51 20.61 36.93
C ILE A 241 -26.82 19.28 36.25
N PHE A 242 -26.33 19.10 35.02
CA PHE A 242 -26.52 17.85 34.28
C PHE A 242 -25.60 16.73 34.77
N ALA A 243 -26.16 15.53 34.90
CA ALA A 243 -25.39 14.33 35.26
C ALA A 243 -25.45 13.31 34.14
N ASN A 244 -24.48 12.41 34.11
CA ASN A 244 -24.31 11.50 32.97
C ASN A 244 -23.92 10.09 33.34
N PHE A 245 -24.45 9.14 32.57
CA PHE A 245 -23.93 7.79 32.53
C PHE A 245 -22.84 7.75 31.47
N SER A 246 -21.64 7.37 31.85
CA SER A 246 -20.57 7.11 30.87
C SER A 246 -20.51 5.62 30.60
N VAL A 247 -20.72 5.20 29.35
CA VAL A 247 -20.77 3.77 29.04
C VAL A 247 -19.74 3.28 28.00
N THR A 248 -19.05 4.21 27.34
CA THR A 248 -18.17 3.83 26.23
C THR A 248 -16.93 3.03 26.67
N GLY A 249 -16.40 3.33 27.86
CA GLY A 249 -15.25 2.63 28.39
C GLY A 249 -15.61 2.01 29.72
N GLY A 250 -14.95 2.43 30.80
CA GLY A 250 -15.42 2.06 32.12
C GLY A 250 -16.82 2.63 32.35
N LYS A 251 -17.58 2.03 33.26
CA LYS A 251 -18.93 2.52 33.56
C LYS A 251 -18.91 3.55 34.70
N TRP A 252 -19.13 4.82 34.36
CA TRP A 252 -18.98 5.89 35.36
C TRP A 252 -20.25 6.70 35.53
N ILE A 253 -20.32 7.45 36.61
CA ILE A 253 -21.26 8.56 36.68
C ILE A 253 -20.44 9.83 36.49
N VAL A 254 -20.93 10.72 35.65
CA VAL A 254 -20.23 11.98 35.38
C VAL A 254 -21.13 13.14 35.78
N SER A 255 -20.55 14.25 36.20
CA SER A 255 -21.36 15.40 36.63
C SER A 255 -20.58 16.70 36.79
N GLY A 256 -21.24 17.82 36.49
CA GLY A 256 -20.66 19.11 36.79
C GLY A 256 -20.66 19.34 38.29
N SER A 257 -19.99 20.40 38.73
CA SER A 257 -19.94 20.71 40.15
C SER A 257 -19.81 22.22 40.37
N GLU A 258 -20.28 22.68 41.53
CA GLU A 258 -20.28 24.12 41.84
C GLU A 258 -18.94 24.61 42.37
N ASP A 259 -18.00 23.69 42.52
CA ASP A 259 -16.63 24.06 42.88
C ASP A 259 -15.72 24.08 41.65
N ASN A 260 -16.33 24.03 40.47
CA ASN A 260 -15.63 24.18 39.18
C ASN A 260 -14.99 22.93 38.60
N LEU A 261 -15.24 21.78 39.21
CA LEU A 261 -14.63 20.55 38.73
C LEU A 261 -15.65 19.67 38.03
N VAL A 262 -15.20 18.79 37.15
CA VAL A 262 -16.03 17.71 36.63
C VAL A 262 -15.76 16.50 37.51
N TYR A 263 -16.82 15.89 38.05
CA TYR A 263 -16.66 14.71 38.88
C TYR A 263 -16.99 13.42 38.12
N ILE A 264 -16.12 12.44 38.25
CA ILE A 264 -16.38 11.12 37.72
C ILE A 264 -16.38 10.08 38.85
N TRP A 265 -17.48 9.34 38.96
CA TRP A 265 -17.58 8.26 39.97
C TRP A 265 -17.60 6.90 39.32
N ASN A 266 -17.09 5.91 40.04
CA ASN A 266 -17.30 4.53 39.67
C ASN A 266 -18.75 4.16 40.01
N LEU A 267 -19.53 3.80 39.00
CA LEU A 267 -20.96 3.56 39.19
C LEU A 267 -21.24 2.48 40.23
N GLN A 268 -20.41 1.45 40.28
CA GLN A 268 -20.67 0.35 41.20
C GLN A 268 -20.18 0.62 42.63
N THR A 269 -18.99 1.19 42.76
CA THR A 269 -18.37 1.37 44.07
C THR A 269 -18.66 2.72 44.70
N LYS A 270 -19.23 3.63 43.93
CA LYS A 270 -19.57 4.99 44.40
C LYS A 270 -18.36 5.87 44.68
N GLU A 271 -17.17 5.33 44.43
CA GLU A 271 -15.93 6.08 44.64
C GLU A 271 -15.65 7.04 43.50
N ILE A 272 -15.12 8.21 43.86
CA ILE A 272 -14.71 9.19 42.86
C ILE A 272 -13.46 8.62 42.25
N VAL A 273 -13.42 8.58 40.93
CA VAL A 273 -12.26 8.05 40.24
C VAL A 273 -11.45 9.15 39.57
N GLN A 274 -12.10 10.29 39.31
CA GLN A 274 -11.36 11.41 38.73
C GLN A 274 -12.12 12.74 38.84
N LYS A 275 -11.36 13.82 39.01
CA LYS A 275 -11.88 15.18 39.03
C LYS A 275 -11.14 16.06 38.01
N LEU A 276 -11.87 16.61 37.05
CA LEU A 276 -11.26 17.35 35.97
C LEU A 276 -11.12 18.83 36.30
N GLN A 277 -9.88 19.28 36.44
CA GLN A 277 -9.60 20.66 36.80
C GLN A 277 -9.32 21.50 35.56
N GLY A 278 -9.75 22.75 35.55
CA GLY A 278 -9.54 23.58 34.39
C GLY A 278 -10.55 24.68 34.22
N HIS A 279 -11.79 24.44 34.63
CA HIS A 279 -12.82 25.47 34.51
C HIS A 279 -12.70 26.50 35.61
N THR A 280 -13.10 27.73 35.31
CA THR A 280 -12.96 28.84 36.25
C THR A 280 -14.31 29.33 36.70
N ASP A 281 -15.28 28.42 36.70
CA ASP A 281 -16.61 28.72 37.22
C ASP A 281 -17.37 27.42 37.32
N VAL A 282 -18.53 27.46 37.96
CA VAL A 282 -19.42 26.32 38.10
C VAL A 282 -19.58 25.55 36.79
N VAL A 283 -19.39 24.24 36.83
CA VAL A 283 -19.63 23.42 35.65
C VAL A 283 -21.09 23.02 35.67
N ILE A 284 -21.89 23.66 34.82
CA ILE A 284 -23.34 23.46 34.77
C ILE A 284 -23.76 22.22 33.97
N SER A 285 -22.90 21.78 33.06
CA SER A 285 -23.30 20.79 32.07
C SER A 285 -22.15 19.92 31.62
N THR A 286 -22.36 18.61 31.64
CA THR A 286 -21.44 17.66 31.06
C THR A 286 -22.21 16.74 30.13
N ALA A 287 -21.50 16.15 29.18
CA ALA A 287 -22.11 15.22 28.23
C ALA A 287 -21.09 14.17 27.77
N CYS A 288 -21.56 12.94 27.53
CA CYS A 288 -20.65 11.88 27.14
C CYS A 288 -20.84 11.52 25.69
N HIS A 289 -19.72 11.32 24.98
CA HIS A 289 -19.79 11.02 23.54
C HIS A 289 -20.41 9.65 23.31
N PRO A 290 -21.19 9.49 22.22
CA PRO A 290 -21.86 8.24 21.83
C PRO A 290 -20.91 7.04 21.75
N THR A 291 -19.72 7.21 21.19
CA THR A 291 -18.85 6.06 20.94
C THR A 291 -17.45 6.15 21.54
N GLU A 292 -16.94 7.36 21.67
CA GLU A 292 -15.59 7.56 22.15
C GLU A 292 -15.61 7.91 23.62
N ASN A 293 -14.49 7.68 24.29
CA ASN A 293 -14.34 8.15 25.65
C ASN A 293 -14.07 9.66 25.68
N ILE A 294 -15.14 10.45 25.53
CA ILE A 294 -15.01 11.90 25.50
C ILE A 294 -16.11 12.60 26.29
N ILE A 295 -15.69 13.51 27.15
CA ILE A 295 -16.59 14.32 27.95
C ILE A 295 -16.52 15.80 27.53
N ALA A 296 -17.66 16.42 27.27
CA ALA A 296 -17.68 17.86 27.09
C ALA A 296 -18.28 18.50 28.34
N SER A 297 -17.65 19.56 28.82
CA SER A 297 -18.16 20.28 29.97
C SER A 297 -18.28 21.76 29.66
N ALA A 298 -19.24 22.42 30.29
CA ALA A 298 -19.50 23.83 30.05
C ALA A 298 -19.63 24.56 31.40
N ALA A 299 -19.24 25.83 31.43
CA ALA A 299 -19.16 26.56 32.68
C ALA A 299 -19.93 27.84 32.58
N LEU A 300 -19.99 28.57 33.69
CA LEU A 300 -20.81 29.78 33.78
C LEU A 300 -20.09 31.10 33.43
N GLU A 301 -20.73 32.20 33.85
CA GLU A 301 -20.37 33.56 33.42
C GLU A 301 -18.88 33.93 33.48
N ASN A 302 -18.15 33.35 34.42
CA ASN A 302 -16.73 33.65 34.56
C ASN A 302 -15.83 32.80 33.69
N ASP A 303 -16.45 31.88 32.97
CA ASP A 303 -15.70 30.95 32.14
C ASP A 303 -16.18 31.12 30.71
N LYS A 304 -17.43 30.71 30.46
CA LYS A 304 -18.06 30.88 29.14
C LYS A 304 -17.50 29.96 28.05
N THR A 305 -16.77 28.91 28.45
CA THR A 305 -16.22 27.97 27.48
C THR A 305 -16.70 26.55 27.69
N ILE A 306 -16.68 25.78 26.61
CA ILE A 306 -16.88 24.35 26.67
C ILE A 306 -15.51 23.69 26.56
N LYS A 307 -15.29 22.65 27.35
CA LYS A 307 -14.04 21.89 27.26
C LYS A 307 -14.27 20.44 26.80
N LEU A 308 -13.36 19.91 25.99
CA LEU A 308 -13.42 18.53 25.51
C LEU A 308 -12.29 17.74 26.11
N TRP A 309 -12.60 16.66 26.82
CA TRP A 309 -11.58 15.83 27.45
C TRP A 309 -11.67 14.41 26.88
N LYS A 310 -10.53 13.74 26.76
CA LYS A 310 -10.51 12.37 26.25
C LYS A 310 -9.75 11.43 27.16
N SER A 311 -10.24 10.20 27.26
CA SER A 311 -9.67 9.19 28.14
C SER A 311 -9.33 7.89 27.37
N ASP A 312 -8.48 7.05 27.94
CA ASP A 312 -8.23 5.73 27.37
C ASP A 312 -9.29 4.69 27.76
N CYS A 313 -10.05 4.98 28.81
CA CYS A 313 -11.08 4.06 29.32
C CYS A 313 -12.20 4.82 30.03
N PRO B 12 -21.42 37.09 -4.47
CA PRO B 12 -20.15 37.35 -3.79
C PRO B 12 -19.37 38.49 -4.42
N ASN B 13 -18.73 39.29 -3.58
CA ASN B 13 -18.00 40.46 -4.04
C ASN B 13 -16.69 40.66 -3.29
N TYR B 14 -15.79 39.69 -3.40
CA TYR B 14 -14.47 39.81 -2.80
C TYR B 14 -13.71 41.03 -3.35
N ALA B 15 -13.06 41.76 -2.45
CA ALA B 15 -12.30 42.95 -2.82
C ALA B 15 -10.97 42.95 -2.08
N LEU B 16 -9.95 43.53 -2.69
CA LEU B 16 -8.61 43.48 -2.14
C LEU B 16 -8.55 44.29 -0.87
N LYS B 17 -7.97 43.73 0.19
CA LYS B 17 -7.80 44.44 1.46
C LYS B 17 -6.33 44.62 1.83
N PHE B 18 -5.54 43.55 1.70
CA PHE B 18 -4.13 43.61 2.04
C PHE B 18 -3.29 42.78 1.10
N THR B 19 -2.12 43.31 0.74
CA THR B 19 -1.09 42.53 0.09
C THR B 19 0.01 42.34 1.11
N LEU B 20 0.31 41.09 1.46
CA LEU B 20 1.35 40.84 2.45
C LEU B 20 2.65 40.48 1.75
N ALA B 21 3.70 41.26 2.00
CA ALA B 21 5.00 41.00 1.41
C ALA B 21 6.03 40.62 2.47
N GLY B 22 6.96 39.74 2.11
CA GLY B 22 8.00 39.36 3.03
C GLY B 22 8.76 38.14 2.61
N HIS B 23 8.09 37.22 1.93
CA HIS B 23 8.77 36.04 1.41
C HIS B 23 9.67 36.44 0.25
N THR B 24 10.90 35.95 0.27
CA THR B 24 11.88 36.28 -0.76
C THR B 24 11.89 35.34 -1.98
N LYS B 25 11.21 34.20 -1.87
CA LYS B 25 10.99 33.34 -3.02
C LYS B 25 9.50 32.98 -3.13
N ALA B 26 9.14 32.14 -4.09
CA ALA B 26 7.73 31.78 -4.30
C ALA B 26 7.06 31.23 -3.03
N VAL B 27 5.83 31.67 -2.80
CA VAL B 27 5.02 31.17 -1.68
C VAL B 27 4.37 29.82 -2.07
N SER B 28 4.51 28.81 -1.22
CA SER B 28 3.98 27.49 -1.53
C SER B 28 2.54 27.26 -1.05
N SER B 29 2.21 27.61 0.19
CA SER B 29 0.81 27.48 0.66
C SER B 29 0.37 28.46 1.76
N VAL B 30 -0.90 28.85 1.73
CA VAL B 30 -1.51 29.59 2.83
C VAL B 30 -2.57 28.79 3.59
N LYS B 31 -2.62 28.98 4.90
CA LYS B 31 -3.59 28.30 5.76
C LYS B 31 -4.00 29.19 6.93
N PHE B 32 -5.28 29.54 7.01
CA PHE B 32 -5.79 30.21 8.21
C PHE B 32 -5.80 29.26 9.39
N SER B 33 -5.36 29.75 10.55
CA SER B 33 -5.50 28.98 11.78
C SER B 33 -6.99 28.77 12.12
N PRO B 34 -7.31 27.66 12.79
CA PRO B 34 -8.73 27.40 13.08
C PRO B 34 -9.39 28.47 13.96
N ASN B 35 -8.64 29.09 14.87
CA ASN B 35 -9.19 30.18 15.71
C ASN B 35 -9.38 31.51 14.96
N GLY B 36 -9.07 31.49 13.68
CA GLY B 36 -9.36 32.58 12.79
C GLY B 36 -8.47 33.80 12.92
N GLU B 37 -7.46 33.75 13.78
CA GLU B 37 -6.65 34.95 14.09
C GLU B 37 -5.48 35.17 13.14
N TRP B 38 -4.82 34.08 12.75
CA TRP B 38 -3.64 34.19 11.90
C TRP B 38 -3.75 33.47 10.56
N LEU B 39 -2.70 33.67 9.77
CA LEU B 39 -2.53 33.00 8.50
C LEU B 39 -1.09 32.51 8.54
N ALA B 40 -0.85 31.26 8.15
CA ALA B 40 0.53 30.78 8.03
C ALA B 40 0.84 30.60 6.57
N SER B 41 2.04 31.00 6.17
CA SER B 41 2.51 30.75 4.81
C SER B 41 3.83 30.01 4.82
N SER B 42 4.04 29.17 3.80
CA SER B 42 5.29 28.46 3.58
C SER B 42 5.82 28.92 2.25
N SER B 43 7.11 28.69 2.01
CA SER B 43 7.73 29.22 0.80
C SER B 43 9.03 28.53 0.39
N ALA B 44 9.33 28.61 -0.90
CA ALA B 44 10.60 28.11 -1.45
C ALA B 44 11.81 28.73 -0.76
N ASP B 45 11.58 29.77 0.03
CA ASP B 45 12.68 30.43 0.73
C ASP B 45 12.99 29.77 2.09
N LYS B 46 12.44 28.58 2.31
CA LYS B 46 12.74 27.76 3.49
C LYS B 46 12.00 28.22 4.74
N LEU B 47 11.14 29.21 4.60
CA LEU B 47 10.57 29.85 5.79
C LEU B 47 9.06 29.71 5.90
N ILE B 48 8.63 29.67 7.15
CA ILE B 48 7.22 29.82 7.48
C ILE B 48 7.05 31.24 8.06
N LYS B 49 6.05 31.95 7.57
CA LYS B 49 5.73 33.25 8.15
C LYS B 49 4.31 33.28 8.72
N ILE B 50 4.15 33.92 9.88
CA ILE B 50 2.84 34.08 10.47
C ILE B 50 2.34 35.53 10.28
N TRP B 51 1.11 35.67 9.79
CA TRP B 51 0.50 36.98 9.57
C TRP B 51 -0.84 37.15 10.31
N GLY B 52 -1.23 38.37 10.59
CA GLY B 52 -2.50 38.63 11.24
C GLY B 52 -3.61 38.54 10.21
N ALA B 53 -4.68 37.84 10.56
CA ALA B 53 -5.73 37.56 9.58
C ALA B 53 -6.56 38.81 9.27
N TYR B 54 -6.69 39.68 10.26
CA TYR B 54 -7.56 40.83 10.15
C TYR B 54 -6.84 42.11 9.66
N ASP B 55 -5.54 42.22 9.97
CA ASP B 55 -4.79 43.42 9.61
C ASP B 55 -3.72 43.19 8.55
N GLY B 56 -3.32 41.92 8.37
CA GLY B 56 -2.31 41.58 7.37
C GLY B 56 -0.88 41.85 7.84
N LYS B 57 -0.69 41.96 9.16
CA LYS B 57 0.61 42.30 9.71
C LYS B 57 1.50 41.08 9.92
N PHE B 58 2.76 41.21 9.54
CA PHE B 58 3.74 40.18 9.80
C PHE B 58 3.91 39.98 11.30
N GLU B 59 3.84 38.74 11.75
CA GLU B 59 3.91 38.41 13.18
C GLU B 59 5.26 37.83 13.52
N LYS B 60 5.71 36.89 12.68
CA LYS B 60 6.99 36.23 12.90
C LYS B 60 7.42 35.32 11.74
N THR B 61 8.69 34.94 11.76
CA THR B 61 9.24 33.96 10.84
C THR B 61 9.61 32.70 11.65
N ILE B 62 9.37 31.54 11.06
CA ILE B 62 9.74 30.28 11.65
C ILE B 62 10.76 29.61 10.69
N SER B 63 11.97 29.35 11.16
CA SER B 63 12.99 28.76 10.30
C SER B 63 13.65 27.58 10.96
N GLY B 64 14.32 26.75 10.15
CA GLY B 64 14.97 25.54 10.65
C GLY B 64 15.12 24.48 9.57
N HIS B 65 14.19 24.48 8.63
CA HIS B 65 14.25 23.59 7.48
C HIS B 65 15.47 23.88 6.63
N LYS B 66 15.99 22.85 5.96
CA LYS B 66 17.23 23.01 5.23
C LYS B 66 17.01 23.23 3.74
N LEU B 67 15.85 22.81 3.25
CA LEU B 67 15.45 23.16 1.88
C LEU B 67 14.05 23.78 1.93
N GLY B 68 13.49 24.06 0.75
CA GLY B 68 12.19 24.69 0.65
C GLY B 68 11.08 23.90 1.34
N ILE B 69 9.90 24.51 1.39
CA ILE B 69 8.75 23.96 2.08
C ILE B 69 7.55 24.04 1.17
N SER B 70 6.90 22.90 0.93
CA SER B 70 5.82 22.79 -0.04
C SER B 70 4.44 22.87 0.60
N ASP B 71 4.36 22.67 1.91
CA ASP B 71 3.08 22.71 2.59
C ASP B 71 3.20 23.05 4.08
N VAL B 72 2.11 23.55 4.64
CA VAL B 72 2.08 23.86 6.06
C VAL B 72 0.64 23.71 6.55
N ALA B 73 0.48 23.19 7.76
CA ALA B 73 -0.86 22.93 8.29
C ALA B 73 -0.93 23.19 9.81
N TRP B 74 -2.05 23.77 10.26
CA TRP B 74 -2.30 24.06 11.68
C TRP B 74 -2.90 22.87 12.42
N SER B 75 -2.57 22.74 13.71
CA SER B 75 -3.27 21.78 14.57
C SER B 75 -4.61 22.38 15.00
N SER B 76 -5.52 21.55 15.52
CA SER B 76 -6.89 22.01 15.78
C SER B 76 -7.03 23.16 16.81
N ASP B 77 -6.12 23.21 17.77
CA ASP B 77 -6.17 24.26 18.78
C ASP B 77 -5.26 25.46 18.41
N SER B 78 -4.81 25.49 17.17
CA SER B 78 -3.99 26.61 16.70
C SER B 78 -2.67 26.79 17.47
N ASN B 79 -2.31 25.80 18.28
CA ASN B 79 -1.03 25.85 18.99
C ASN B 79 0.17 25.38 18.18
N LEU B 80 -0.08 24.54 17.18
CA LEU B 80 1.02 23.91 16.46
C LEU B 80 0.96 24.09 14.94
N LEU B 81 2.13 24.07 14.32
CA LEU B 81 2.22 23.93 12.88
C LEU B 81 3.00 22.66 12.53
N VAL B 82 2.72 22.12 11.36
CA VAL B 82 3.55 21.08 10.80
C VAL B 82 3.89 21.59 9.41
N SER B 83 5.10 21.30 8.96
CA SER B 83 5.56 21.74 7.65
C SER B 83 6.22 20.60 6.90
N ALA B 84 6.07 20.61 5.57
CA ALA B 84 6.59 19.56 4.71
C ALA B 84 7.69 20.06 3.78
N SER B 85 8.90 19.57 3.96
CA SER B 85 10.03 20.19 3.29
C SER B 85 10.78 19.24 2.34
N ASP B 86 11.55 19.81 1.42
CA ASP B 86 12.39 19.02 0.54
C ASP B 86 13.55 18.39 1.28
N ASP B 87 13.83 18.88 2.48
CA ASP B 87 14.92 18.30 3.25
C ASP B 87 14.62 16.88 3.70
N LYS B 88 13.51 16.30 3.20
CA LYS B 88 13.09 14.93 3.51
C LYS B 88 12.42 14.74 4.86
N THR B 89 12.09 15.85 5.53
CA THR B 89 11.47 15.76 6.84
C THR B 89 10.21 16.59 6.97
N LEU B 90 9.48 16.40 8.07
CA LEU B 90 8.43 17.33 8.48
C LEU B 90 8.85 17.91 9.82
N LYS B 91 8.39 19.10 10.13
CA LYS B 91 8.70 19.69 11.43
C LYS B 91 7.44 20.09 12.17
N ILE B 92 7.40 19.79 13.46
CA ILE B 92 6.30 20.26 14.30
C ILE B 92 6.77 21.49 15.07
N TRP B 93 6.06 22.58 14.89
CA TRP B 93 6.44 23.87 15.47
C TRP B 93 5.49 24.32 16.55
N ASP B 94 6.05 24.86 17.63
CA ASP B 94 5.26 25.58 18.61
C ASP B 94 5.00 26.96 18.03
N VAL B 95 3.75 27.25 17.69
CA VAL B 95 3.43 28.52 17.05
C VAL B 95 3.75 29.77 17.92
N SER B 96 3.70 29.64 19.23
CA SER B 96 4.00 30.77 20.08
C SER B 96 5.51 30.97 20.28
N SER B 97 6.22 29.93 20.68
CA SER B 97 7.64 30.07 20.95
C SER B 97 8.42 30.17 19.66
N GLY B 98 7.87 29.63 18.58
CA GLY B 98 8.56 29.63 17.30
C GLY B 98 9.51 28.45 17.15
N LYS B 99 9.69 27.67 18.20
CA LYS B 99 10.70 26.62 18.23
C LYS B 99 10.22 25.29 17.62
N CYS B 100 11.16 24.52 17.06
CA CYS B 100 10.85 23.20 16.51
C CYS B 100 10.75 22.18 17.65
N LEU B 101 9.57 21.60 17.81
CA LEU B 101 9.36 20.58 18.83
C LEU B 101 9.84 19.19 18.40
N LYS B 102 9.45 18.79 17.19
CA LYS B 102 9.81 17.48 16.68
C LYS B 102 10.27 17.60 15.23
N THR B 103 11.13 16.68 14.83
CA THR B 103 11.49 16.50 13.44
C THR B 103 11.10 15.08 13.02
N LEU B 104 10.20 14.99 12.06
CA LEU B 104 9.68 13.69 11.64
C LEU B 104 10.52 13.12 10.49
N LYS B 105 11.33 12.12 10.79
CA LYS B 105 12.21 11.53 9.80
C LYS B 105 11.77 10.13 9.39
N GLY B 106 11.69 9.90 8.08
CA GLY B 106 11.35 8.59 7.55
C GLY B 106 11.26 8.59 6.02
N HIS B 107 10.63 9.61 5.46
CA HIS B 107 10.50 9.72 4.01
C HIS B 107 11.85 9.62 3.31
N SER B 108 11.86 9.19 2.06
CA SER B 108 13.11 9.01 1.36
C SER B 108 13.21 10.01 0.22
N ASN B 109 12.40 11.05 0.29
CA ASN B 109 12.40 12.06 -0.76
C ASN B 109 11.61 13.31 -0.33
N TYR B 110 11.41 14.26 -1.23
CA TYR B 110 10.79 15.53 -0.82
C TYR B 110 9.50 15.22 -0.09
N VAL B 111 9.26 15.89 1.03
CA VAL B 111 7.93 15.82 1.63
C VAL B 111 7.08 16.91 1.01
N PHE B 112 5.91 16.54 0.51
CA PHE B 112 5.14 17.42 -0.37
C PHE B 112 3.88 18.00 0.31
N CYS B 113 3.16 17.19 1.08
CA CYS B 113 1.91 17.64 1.68
C CYS B 113 1.78 17.11 3.10
N CYS B 114 0.90 17.72 3.89
CA CYS B 114 0.77 17.35 5.29
C CYS B 114 -0.50 17.90 5.93
N ASN B 115 -0.91 17.29 7.04
CA ASN B 115 -2.12 17.69 7.76
C ASN B 115 -2.22 16.97 9.11
N PHE B 116 -2.82 17.63 10.10
CA PHE B 116 -3.18 16.96 11.33
C PHE B 116 -4.54 16.31 11.13
N ASN B 117 -4.85 15.29 11.92
CA ASN B 117 -6.24 14.82 12.04
C ASN B 117 -7.00 15.83 12.92
N PRO B 118 -8.34 15.82 12.89
CA PRO B 118 -9.08 16.75 13.74
C PRO B 118 -8.64 16.69 15.20
N GLN B 119 -8.43 15.48 15.73
CA GLN B 119 -7.98 15.30 17.11
C GLN B 119 -6.61 15.93 17.28
N SER B 120 -5.84 15.92 16.19
CA SER B 120 -4.54 16.57 16.12
C SER B 120 -3.51 15.88 17.00
N ASN B 121 -3.62 14.56 17.10
CA ASN B 121 -2.56 13.79 17.72
C ASN B 121 -1.85 12.95 16.65
N LEU B 122 -2.38 12.96 15.43
CA LEU B 122 -1.71 12.33 14.29
C LEU B 122 -1.44 13.34 13.19
N ILE B 123 -0.35 13.13 12.46
CA ILE B 123 -0.07 13.88 11.25
C ILE B 123 -0.05 12.93 10.05
N VAL B 124 -0.65 13.36 8.95
CA VAL B 124 -0.52 12.62 7.70
C VAL B 124 0.40 13.39 6.74
N SER B 125 1.29 12.66 6.06
CA SER B 125 2.20 13.28 5.09
C SER B 125 2.21 12.53 3.77
N GLY B 126 2.53 13.26 2.71
CA GLY B 126 2.65 12.69 1.38
C GLY B 126 3.99 13.07 0.77
N SER B 127 4.59 12.13 0.05
CA SER B 127 5.97 12.30 -0.39
C SER B 127 6.21 11.94 -1.86
N PHE B 128 7.38 12.29 -2.35
CA PHE B 128 7.76 11.98 -3.73
C PHE B 128 8.34 10.57 -3.78
N ASP B 129 8.56 10.00 -2.59
CA ASP B 129 8.83 8.59 -2.44
C ASP B 129 7.54 7.75 -2.50
N GLU B 130 6.43 8.43 -2.82
CA GLU B 130 5.15 7.77 -3.13
C GLU B 130 4.43 7.15 -1.94
N SER B 131 4.99 7.32 -0.75
CA SER B 131 4.31 6.84 0.44
C SER B 131 3.40 7.92 1.04
N VAL B 132 2.41 7.46 1.78
CA VAL B 132 1.70 8.28 2.74
C VAL B 132 2.12 7.81 4.12
N ARG B 133 2.63 8.71 4.95
CA ARG B 133 3.00 8.33 6.32
C ARG B 133 2.12 8.95 7.37
N ILE B 134 1.94 8.21 8.47
CA ILE B 134 1.12 8.65 9.59
C ILE B 134 1.95 8.73 10.87
N TRP B 135 2.13 9.93 11.38
CA TRP B 135 3.04 10.16 12.49
C TRP B 135 2.33 10.44 13.79
N ASP B 136 2.88 9.94 14.89
CA ASP B 136 2.36 10.27 16.21
C ASP B 136 2.91 11.64 16.65
N VAL B 137 2.01 12.61 16.81
CA VAL B 137 2.39 13.97 17.15
C VAL B 137 3.24 14.10 18.43
N LYS B 138 2.87 13.36 19.47
CA LYS B 138 3.53 13.53 20.76
C LYS B 138 4.90 12.89 20.86
N THR B 139 5.09 11.73 20.23
CA THR B 139 6.39 11.04 20.28
C THR B 139 7.23 11.32 19.06
N GLY B 140 6.57 11.55 17.93
CA GLY B 140 7.25 11.85 16.68
C GLY B 140 7.58 10.63 15.83
N LYS B 141 7.04 9.48 16.20
CA LYS B 141 7.34 8.24 15.51
C LYS B 141 6.42 8.02 14.32
N CYS B 142 6.95 7.38 13.29
CA CYS B 142 6.14 6.95 12.16
C CYS B 142 5.41 5.66 12.54
N LEU B 143 4.09 5.75 12.64
CA LEU B 143 3.27 4.63 13.05
C LEU B 143 3.01 3.72 11.87
N LYS B 144 2.64 4.31 10.75
CA LYS B 144 2.39 3.56 9.52
C LYS B 144 3.05 4.20 8.30
N THR B 145 3.52 3.34 7.39
CA THR B 145 3.92 3.74 6.05
C THR B 145 3.07 2.98 5.06
N LEU B 146 2.40 3.73 4.19
CA LEU B 146 1.58 3.12 3.15
C LEU B 146 2.25 3.34 1.81
N PRO B 147 2.50 2.26 1.09
CA PRO B 147 2.94 2.36 -0.31
C PRO B 147 1.75 2.77 -1.16
N ALA B 148 1.36 4.05 -1.08
CA ALA B 148 0.05 4.49 -1.51
C ALA B 148 -0.10 4.59 -3.02
N HIS B 149 0.93 5.11 -3.67
CA HIS B 149 0.83 5.38 -5.10
C HIS B 149 2.01 4.91 -5.94
N SER B 150 1.84 4.95 -7.26
CA SER B 150 2.91 4.61 -8.18
C SER B 150 3.43 5.90 -8.80
N ASP B 151 3.20 7.01 -8.11
CA ASP B 151 3.68 8.32 -8.53
C ASP B 151 3.71 9.20 -7.30
N PRO B 152 4.43 10.32 -7.37
CA PRO B 152 4.54 11.15 -6.17
C PRO B 152 3.15 11.49 -5.59
N VAL B 153 3.06 11.60 -4.27
CA VAL B 153 1.80 11.90 -3.60
C VAL B 153 1.64 13.41 -3.57
N SER B 154 0.54 13.92 -4.12
CA SER B 154 0.35 15.36 -4.22
C SER B 154 -0.56 16.00 -3.15
N ALA B 155 -1.30 15.19 -2.41
CA ALA B 155 -2.17 15.69 -1.34
C ALA B 155 -2.61 14.57 -0.41
N VAL B 156 -2.66 14.88 0.88
CA VAL B 156 -3.25 14.00 1.87
C VAL B 156 -4.21 14.81 2.71
N HIS B 157 -5.27 14.20 3.20
CA HIS B 157 -6.21 14.89 4.09
C HIS B 157 -7.02 13.92 4.96
N PHE B 158 -7.25 14.27 6.21
CA PHE B 158 -8.12 13.48 7.10
C PHE B 158 -9.58 13.90 6.90
N ASN B 159 -10.52 13.07 7.30
CA ASN B 159 -11.94 13.47 7.25
C ASN B 159 -12.46 13.97 8.61
N ARG B 160 -13.70 14.47 8.64
CA ARG B 160 -14.25 15.12 9.85
C ARG B 160 -13.94 14.45 11.18
N ASP B 161 -13.85 13.12 11.18
CA ASP B 161 -13.66 12.39 12.42
C ASP B 161 -12.29 11.70 12.57
N GLY B 162 -11.46 11.82 11.53
CA GLY B 162 -10.09 11.30 11.57
C GLY B 162 -9.97 9.81 11.27
N SER B 163 -11.06 9.20 10.82
CA SER B 163 -11.04 7.76 10.57
C SER B 163 -10.57 7.46 9.16
N LEU B 164 -10.72 8.44 8.28
CA LEU B 164 -10.36 8.29 6.87
C LEU B 164 -9.27 9.28 6.46
N ILE B 165 -8.47 8.85 5.49
CA ILE B 165 -7.46 9.69 4.86
C ILE B 165 -7.64 9.56 3.35
N VAL B 166 -7.78 10.68 2.66
CA VAL B 166 -7.83 10.61 1.21
C VAL B 166 -6.46 11.04 0.72
N SER B 167 -6.02 10.45 -0.39
CA SER B 167 -4.74 10.86 -0.98
C SER B 167 -4.82 10.83 -2.50
N SER B 168 -4.00 11.66 -3.13
CA SER B 168 -4.01 11.73 -4.60
C SER B 168 -2.60 11.70 -5.19
N SER B 169 -2.51 11.58 -6.51
CA SER B 169 -1.22 11.36 -7.11
C SER B 169 -1.20 11.62 -8.60
N TYR B 170 0.00 11.85 -9.12
CA TYR B 170 0.15 12.02 -10.55
C TYR B 170 -0.25 10.75 -11.28
N ASP B 171 -0.32 9.61 -10.57
CA ASP B 171 -0.77 8.34 -11.18
C ASP B 171 -2.24 8.36 -11.62
N GLY B 172 -2.97 9.40 -11.23
CA GLY B 172 -4.34 9.60 -11.67
C GLY B 172 -5.43 9.07 -10.76
N LEU B 173 -5.07 8.53 -9.61
CA LEU B 173 -6.04 7.94 -8.69
C LEU B 173 -6.14 8.73 -7.40
N CYS B 174 -7.33 8.75 -6.82
CA CYS B 174 -7.51 9.14 -5.42
C CYS B 174 -7.76 7.85 -4.63
N ARG B 175 -7.19 7.75 -3.45
CA ARG B 175 -7.36 6.56 -2.63
C ARG B 175 -7.80 6.93 -1.21
N ILE B 176 -8.82 6.23 -0.70
CA ILE B 176 -9.29 6.48 0.66
C ILE B 176 -8.78 5.38 1.55
N TRP B 177 -8.25 5.76 2.71
CA TRP B 177 -7.58 4.83 3.60
C TRP B 177 -8.25 4.78 4.94
N ASP B 178 -8.05 3.66 5.62
CA ASP B 178 -8.51 3.52 6.97
C ASP B 178 -7.35 3.90 7.89
N THR B 179 -7.48 5.06 8.53
CA THR B 179 -6.47 5.56 9.46
C THR B 179 -5.89 4.50 10.41
N ALA B 180 -6.75 3.64 10.94
CA ALA B 180 -6.35 2.73 12.01
C ALA B 180 -5.68 1.45 11.53
N SER B 181 -6.23 0.86 10.47
CA SER B 181 -5.71 -0.39 9.90
C SER B 181 -4.59 -0.18 8.88
N GLY B 182 -4.75 0.84 8.04
CA GLY B 182 -3.84 1.08 6.94
C GLY B 182 -4.41 0.53 5.64
N GLN B 183 -5.55 -0.14 5.73
CA GLN B 183 -6.18 -0.77 4.56
C GLN B 183 -6.71 0.25 3.61
N CYS B 184 -6.68 -0.07 2.31
CA CYS B 184 -7.24 0.84 1.33
C CYS B 184 -8.72 0.56 1.14
N LEU B 185 -9.55 1.58 1.31
CA LEU B 185 -11.00 1.38 1.32
C LEU B 185 -11.67 1.61 -0.03
N LYS B 186 -11.27 2.67 -0.71
CA LYS B 186 -11.84 2.94 -2.01
C LYS B 186 -10.87 3.70 -2.89
N THR B 187 -11.10 3.61 -4.20
CA THR B 187 -10.21 4.17 -5.22
C THR B 187 -11.10 4.83 -6.25
N LEU B 188 -10.88 6.11 -6.54
CA LEU B 188 -11.71 6.78 -7.53
C LEU B 188 -11.00 6.83 -8.88
N ILE B 189 -11.69 6.42 -9.94
CA ILE B 189 -11.08 6.43 -11.26
C ILE B 189 -11.90 7.24 -12.28
N ASP B 192 -12.02 8.91 -17.31
CA ASP B 192 -10.58 8.87 -17.49
C ASP B 192 -9.78 9.03 -16.19
N ASN B 193 -8.48 9.28 -16.34
CA ASN B 193 -7.56 9.31 -15.20
C ASN B 193 -6.32 10.21 -15.36
N PRO B 194 -6.53 11.51 -15.60
CA PRO B 194 -5.43 12.48 -15.65
C PRO B 194 -4.84 12.72 -14.26
N PRO B 195 -3.63 13.30 -14.18
CA PRO B 195 -2.97 13.48 -12.88
C PRO B 195 -3.81 14.29 -11.91
N VAL B 196 -3.92 13.80 -10.68
CA VAL B 196 -4.64 14.50 -9.62
C VAL B 196 -3.66 15.32 -8.79
N SER B 197 -3.80 16.64 -8.87
CA SER B 197 -2.87 17.58 -8.23
C SER B 197 -3.32 18.03 -6.86
N PHE B 198 -4.50 17.60 -6.43
CA PHE B 198 -5.04 18.00 -5.14
C PHE B 198 -6.35 17.28 -4.81
N VAL B 199 -6.49 16.82 -3.56
CA VAL B 199 -7.78 16.35 -3.07
C VAL B 199 -7.97 16.76 -1.63
N LYS B 200 -9.23 16.94 -1.23
CA LYS B 200 -9.58 17.07 0.18
C LYS B 200 -11.05 16.68 0.36
N PHE B 201 -11.44 16.44 1.62
CA PHE B 201 -12.82 16.09 1.90
C PHE B 201 -13.61 17.36 2.02
N SER B 202 -14.89 17.28 1.68
CA SER B 202 -15.81 18.36 2.00
C SER B 202 -15.95 18.38 3.52
N PRO B 203 -16.45 19.50 4.09
CA PRO B 203 -16.50 19.67 5.54
C PRO B 203 -17.36 18.63 6.25
N ASN B 204 -18.47 18.26 5.61
CA ASN B 204 -19.32 17.16 6.08
C ASN B 204 -18.70 15.77 5.84
N GLY B 205 -17.64 15.70 5.04
CA GLY B 205 -16.90 14.46 4.82
C GLY B 205 -17.57 13.43 3.92
N LYS B 206 -18.53 13.89 3.11
CA LYS B 206 -19.35 13.00 2.30
C LYS B 206 -18.85 12.96 0.87
N TYR B 207 -18.28 14.08 0.44
CA TYR B 207 -17.72 14.22 -0.89
C TYR B 207 -16.22 14.48 -0.79
N ILE B 208 -15.51 14.31 -1.89
CA ILE B 208 -14.14 14.76 -1.93
C ILE B 208 -14.00 15.65 -3.15
N LEU B 209 -13.15 16.68 -3.02
CA LEU B 209 -12.87 17.60 -4.10
C LEU B 209 -11.51 17.25 -4.69
N ALA B 210 -11.45 17.09 -6.01
CA ALA B 210 -10.21 16.69 -6.68
C ALA B 210 -9.87 17.58 -7.86
N ALA B 211 -8.62 18.05 -7.90
CA ALA B 211 -8.13 18.85 -9.01
C ALA B 211 -7.24 18.01 -9.93
N THR B 212 -7.39 18.16 -11.24
CA THR B 212 -6.54 17.43 -12.16
C THR B 212 -5.82 18.35 -13.15
N LEU B 213 -4.73 17.87 -13.72
CA LEU B 213 -3.93 18.71 -14.60
C LEU B 213 -4.52 18.81 -16.00
N ASP B 214 -5.83 18.64 -16.09
CA ASP B 214 -6.56 18.92 -17.32
C ASP B 214 -7.56 20.07 -17.09
N ASN B 215 -7.15 21.04 -16.28
CA ASN B 215 -7.95 22.23 -16.04
C ASN B 215 -9.34 21.91 -15.54
N THR B 216 -9.44 21.11 -14.50
CA THR B 216 -10.75 20.64 -14.05
C THR B 216 -10.78 20.29 -12.56
N LEU B 217 -11.74 20.85 -11.84
CA LEU B 217 -12.08 20.37 -10.49
C LEU B 217 -13.32 19.46 -10.53
N LYS B 218 -13.23 18.27 -9.97
CA LYS B 218 -14.36 17.39 -9.88
C LYS B 218 -14.81 17.26 -8.43
N LEU B 219 -16.12 17.17 -8.21
CA LEU B 219 -16.64 16.90 -6.88
C LEU B 219 -17.19 15.48 -6.87
N TRP B 220 -16.68 14.65 -5.97
CA TRP B 220 -17.02 13.23 -5.97
C TRP B 220 -17.89 12.82 -4.80
N ASP B 221 -18.97 12.09 -5.07
CA ASP B 221 -19.64 11.41 -3.99
C ASP B 221 -18.75 10.25 -3.56
N TYR B 222 -18.19 10.39 -2.37
CA TYR B 222 -17.19 9.45 -1.88
C TYR B 222 -17.71 8.01 -1.79
N SER B 223 -18.83 7.80 -1.10
CA SER B 223 -19.37 6.44 -0.93
C SER B 223 -19.94 5.79 -2.21
N LYS B 224 -20.78 6.51 -2.95
CA LYS B 224 -21.30 5.98 -4.22
C LYS B 224 -20.22 5.96 -5.30
N GLY B 225 -18.99 6.31 -4.93
CA GLY B 225 -17.89 6.42 -5.89
C GLY B 225 -18.17 7.05 -7.25
N LYS B 226 -19.03 8.06 -7.31
CA LYS B 226 -19.30 8.71 -8.60
C LYS B 226 -19.16 10.24 -8.59
N CYS B 227 -18.99 10.81 -9.78
CA CYS B 227 -18.69 12.23 -9.94
C CYS B 227 -19.96 13.06 -10.11
N LEU B 228 -20.17 14.02 -9.22
CA LEU B 228 -21.42 14.78 -9.13
C LEU B 228 -21.41 16.12 -9.83
N LYS B 229 -20.23 16.72 -9.95
CA LYS B 229 -20.11 18.05 -10.51
C LYS B 229 -18.70 18.29 -10.96
N THR B 230 -18.54 19.05 -12.04
CA THR B 230 -17.22 19.42 -12.51
C THR B 230 -17.10 20.92 -12.79
N TYR B 231 -16.00 21.52 -12.31
CA TYR B 231 -15.81 22.95 -12.44
C TYR B 231 -14.60 23.19 -13.33
N THR B 232 -14.79 24.07 -14.31
CA THR B 232 -13.74 24.40 -15.26
C THR B 232 -13.67 25.90 -15.49
N GLY B 233 -12.75 26.31 -16.35
CA GLY B 233 -12.63 27.71 -16.71
C GLY B 233 -11.33 28.33 -16.27
N HIS B 234 -10.64 27.68 -15.33
CA HIS B 234 -9.34 28.14 -14.90
C HIS B 234 -8.24 27.42 -15.70
N LYS B 235 -6.99 27.83 -15.47
CA LYS B 235 -5.85 27.18 -16.10
C LYS B 235 -5.09 26.39 -15.05
N ASN B 236 -4.90 25.10 -15.28
CA ASN B 236 -4.19 24.25 -14.35
C ASN B 236 -3.65 22.99 -15.04
N GLU B 237 -2.36 23.00 -15.37
CA GLU B 237 -1.74 21.94 -16.15
C GLU B 237 -0.38 21.55 -15.62
N LYS B 238 0.11 22.29 -14.62
CA LYS B 238 1.46 22.10 -14.14
C LYS B 238 1.53 21.93 -12.64
N TYR B 239 0.97 22.89 -11.93
CA TYR B 239 1.20 23.00 -10.50
C TYR B 239 0.13 22.31 -9.67
N CYS B 240 0.54 21.82 -8.51
CA CYS B 240 -0.41 21.30 -7.54
C CYS B 240 -1.02 22.47 -6.79
N ILE B 241 -2.15 22.94 -7.30
CA ILE B 241 -2.81 24.12 -6.78
C ILE B 241 -3.88 23.74 -5.75
N PHE B 242 -3.95 24.50 -4.66
CA PHE B 242 -4.93 24.25 -3.59
C PHE B 242 -6.33 24.70 -3.98
N ALA B 243 -7.31 23.85 -3.68
CA ALA B 243 -8.72 24.20 -3.90
C ALA B 243 -9.49 24.25 -2.56
N ASN B 244 -10.61 24.97 -2.54
CA ASN B 244 -11.29 25.23 -1.28
C ASN B 244 -12.81 25.17 -1.37
N PHE B 245 -13.40 24.68 -0.29
CA PHE B 245 -14.82 24.87 -0.01
C PHE B 245 -14.97 26.16 0.77
N SER B 246 -15.74 27.11 0.25
CA SER B 246 -16.09 28.31 1.02
C SER B 246 -17.48 28.10 1.61
N VAL B 247 -17.57 28.11 2.93
CA VAL B 247 -18.84 27.86 3.59
C VAL B 247 -19.41 29.00 4.46
N THR B 248 -18.61 30.04 4.71
CA THR B 248 -19.01 31.08 5.65
C THR B 248 -20.18 31.95 5.17
N GLY B 249 -20.25 32.17 3.85
CA GLY B 249 -21.31 32.96 3.25
C GLY B 249 -22.05 32.10 2.26
N GLY B 250 -22.04 32.50 0.99
CA GLY B 250 -22.54 31.62 -0.05
C GLY B 250 -21.67 30.38 -0.10
N LYS B 251 -22.19 29.28 -0.65
CA LYS B 251 -21.39 28.06 -0.77
C LYS B 251 -20.63 28.00 -2.11
N TRP B 252 -19.31 28.18 -2.06
CA TRP B 252 -18.52 28.29 -3.28
C TRP B 252 -17.46 27.24 -3.36
N ILE B 253 -16.90 27.07 -4.56
CA ILE B 253 -15.61 26.40 -4.71
C ILE B 253 -14.62 27.51 -5.02
N VAL B 254 -13.48 27.49 -4.35
CA VAL B 254 -12.43 28.50 -4.57
C VAL B 254 -11.15 27.80 -5.04
N SER B 255 -10.32 28.49 -5.81
CA SER B 255 -9.11 27.86 -6.33
C SER B 255 -8.17 28.82 -7.00
N GLY B 256 -6.87 28.57 -6.84
CA GLY B 256 -5.88 29.33 -7.58
C GLY B 256 -5.89 28.93 -9.05
N SER B 257 -5.19 29.69 -9.87
CA SER B 257 -5.16 29.40 -11.30
C SER B 257 -3.82 29.77 -11.89
N GLU B 258 -3.46 29.14 -13.01
CA GLU B 258 -2.17 29.37 -13.65
C GLU B 258 -2.18 30.58 -14.58
N ASP B 259 -3.34 31.21 -14.71
CA ASP B 259 -3.44 32.48 -15.42
C ASP B 259 -3.44 33.68 -14.46
N ASN B 260 -3.07 33.44 -13.19
CA ASN B 260 -2.92 34.48 -12.17
C ASN B 260 -4.17 34.97 -11.46
N LEU B 261 -5.29 34.30 -11.67
CA LEU B 261 -6.53 34.71 -11.07
C LEU B 261 -6.96 33.76 -9.96
N VAL B 262 -7.76 34.24 -9.02
CA VAL B 262 -8.45 33.36 -8.09
C VAL B 262 -9.83 33.09 -8.68
N TYR B 263 -10.20 31.82 -8.79
CA TYR B 263 -11.50 31.46 -9.31
C TYR B 263 -12.49 31.07 -8.21
N ILE B 264 -13.69 31.62 -8.29
CA ILE B 264 -14.78 31.24 -7.38
C ILE B 264 -15.97 30.70 -8.18
N TRP B 265 -16.36 29.46 -7.90
CA TRP B 265 -17.52 28.85 -8.54
C TRP B 265 -18.69 28.70 -7.57
N ASN B 266 -19.89 28.75 -8.12
CA ASN B 266 -21.07 28.34 -7.38
C ASN B 266 -21.05 26.82 -7.28
N LEU B 267 -20.97 26.28 -6.07
CA LEU B 267 -20.86 24.84 -5.88
C LEU B 267 -22.00 24.04 -6.55
N GLN B 268 -23.21 24.58 -6.51
CA GLN B 268 -24.33 23.84 -7.05
C GLN B 268 -24.48 23.96 -8.58
N THR B 269 -24.30 25.16 -9.11
CA THR B 269 -24.53 25.40 -10.54
C THR B 269 -23.29 25.27 -11.40
N LYS B 270 -22.12 25.18 -10.77
CA LYS B 270 -20.83 25.03 -11.47
C LYS B 270 -20.41 26.30 -12.23
N GLU B 271 -21.22 27.34 -12.17
CA GLU B 271 -20.87 28.61 -12.80
C GLU B 271 -19.82 29.39 -12.01
N ILE B 272 -18.95 30.06 -12.75
CA ILE B 272 -17.98 30.94 -12.14
C ILE B 272 -18.76 32.15 -11.70
N VAL B 273 -18.58 32.54 -10.44
CA VAL B 273 -19.28 33.70 -9.93
C VAL B 273 -18.35 34.90 -9.74
N GLN B 274 -17.04 34.64 -9.64
CA GLN B 274 -16.08 35.74 -9.52
C GLN B 274 -14.64 35.30 -9.77
N LYS B 275 -13.86 36.21 -10.37
CA LYS B 275 -12.45 35.99 -10.62
C LYS B 275 -11.65 37.15 -10.03
N LEU B 276 -10.72 36.84 -9.13
CA LEU B 276 -10.00 37.88 -8.42
C LEU B 276 -8.71 38.26 -9.14
N GLN B 277 -8.66 39.50 -9.63
CA GLN B 277 -7.52 39.97 -10.37
C GLN B 277 -6.58 40.75 -9.47
N GLY B 278 -5.27 40.61 -9.69
CA GLY B 278 -4.33 41.35 -8.88
C GLY B 278 -2.97 40.71 -8.76
N HIS B 279 -2.93 39.40 -8.80
CA HIS B 279 -1.66 38.69 -8.69
C HIS B 279 -0.92 38.74 -10.01
N THR B 280 0.41 38.74 -9.94
CA THR B 280 1.23 38.84 -11.14
C THR B 280 2.00 37.56 -11.37
N ASP B 281 1.42 36.44 -10.96
CA ASP B 281 1.97 35.12 -11.23
C ASP B 281 0.94 34.08 -10.83
N VAL B 282 1.19 32.84 -11.21
CA VAL B 282 0.34 31.72 -10.85
C VAL B 282 -0.07 31.78 -9.39
N VAL B 283 -1.38 31.66 -9.14
CA VAL B 283 -1.87 31.53 -7.77
C VAL B 283 -1.83 30.06 -7.38
N ILE B 284 -0.84 29.69 -6.56
CA ILE B 284 -0.63 28.30 -6.15
C ILE B 284 -1.53 27.88 -4.98
N SER B 285 -1.99 28.85 -4.20
CA SER B 285 -2.64 28.52 -2.95
C SER B 285 -3.72 29.52 -2.57
N THR B 286 -4.89 29.01 -2.20
CA THR B 286 -5.93 29.84 -1.61
C THR B 286 -6.40 29.15 -0.35
N ALA B 287 -6.99 29.94 0.55
CA ALA B 287 -7.52 29.42 1.81
C ALA B 287 -8.73 30.25 2.25
N CYS B 288 -9.70 29.60 2.89
CA CYS B 288 -10.89 30.32 3.36
C CYS B 288 -10.89 30.46 4.86
N HIS B 289 -11.23 31.66 5.34
CA HIS B 289 -11.27 31.95 6.78
C HIS B 289 -12.35 31.13 7.47
N PRO B 290 -12.07 30.67 8.71
CA PRO B 290 -13.00 29.88 9.53
C PRO B 290 -14.38 30.52 9.69
N THR B 291 -14.46 31.83 9.89
CA THR B 291 -15.74 32.43 10.24
C THR B 291 -16.15 33.62 9.37
N GLU B 292 -15.18 34.31 8.81
CA GLU B 292 -15.46 35.49 8.02
C GLU B 292 -15.39 35.14 6.55
N ASN B 293 -16.08 35.91 5.73
CA ASN B 293 -15.92 35.79 4.28
C ASN B 293 -14.57 36.38 3.85
N ILE B 294 -13.51 35.62 4.02
CA ILE B 294 -12.16 36.07 3.67
C ILE B 294 -11.34 35.00 2.97
N ILE B 295 -10.74 35.39 1.86
CA ILE B 295 -9.86 34.48 1.10
C ILE B 295 -8.43 34.98 1.10
N ALA B 296 -7.49 34.12 1.47
CA ALA B 296 -6.09 34.48 1.27
C ALA B 296 -5.54 33.72 0.06
N SER B 297 -4.82 34.41 -0.81
CA SER B 297 -4.22 33.77 -1.97
C SER B 297 -2.73 34.08 -2.01
N ALA B 298 -1.95 33.16 -2.57
CA ALA B 298 -0.50 33.28 -2.64
C ALA B 298 -0.04 32.97 -4.06
N ALA B 299 1.04 33.62 -4.49
CA ALA B 299 1.48 33.52 -5.87
C ALA B 299 2.94 33.13 -5.92
N LEU B 300 3.45 32.92 -7.13
CA LEU B 300 4.80 32.39 -7.32
C LEU B 300 5.90 33.44 -7.49
N GLU B 301 7.03 32.99 -8.00
CA GLU B 301 8.29 33.74 -8.03
C GLU B 301 8.20 35.21 -8.49
N ASN B 302 7.30 35.50 -9.42
CA ASN B 302 7.18 36.87 -9.94
C ASN B 302 6.26 37.73 -9.09
N ASP B 303 5.70 37.15 -8.05
CA ASP B 303 4.77 37.87 -7.20
C ASP B 303 5.32 37.85 -5.78
N LYS B 304 5.34 36.68 -5.16
CA LYS B 304 5.90 36.47 -3.83
C LYS B 304 5.08 37.08 -2.68
N THR B 305 3.83 37.44 -2.96
CA THR B 305 2.96 38.01 -1.93
C THR B 305 1.72 37.16 -1.67
N ILE B 306 1.19 37.29 -0.46
CA ILE B 306 -0.12 36.77 -0.12
C ILE B 306 -1.12 37.94 -0.15
N LYS B 307 -2.30 37.73 -0.72
CA LYS B 307 -3.34 38.76 -0.69
C LYS B 307 -4.57 38.33 0.12
N LEU B 308 -5.18 39.29 0.81
CA LEU B 308 -6.36 39.04 1.63
C LEU B 308 -7.54 39.77 1.03
N TRP B 309 -8.60 39.04 0.72
CA TRP B 309 -9.78 39.63 0.09
C TRP B 309 -10.97 39.38 1.00
N LYS B 310 -11.89 40.34 1.05
CA LYS B 310 -13.11 40.18 1.86
C LYS B 310 -14.39 40.41 1.06
N SER B 311 -15.40 39.61 1.35
CA SER B 311 -16.69 39.72 0.67
C SER B 311 -17.86 39.94 1.66
N ASP B 312 -19.00 40.40 1.15
CA ASP B 312 -20.23 40.50 1.97
C ASP B 312 -20.98 39.16 2.06
N CYS B 313 -20.68 38.23 1.15
CA CYS B 313 -21.35 36.93 1.12
C CYS B 313 -20.48 35.87 0.49
N VAL C 10 0.91 -24.85 -36.71
CA VAL C 10 -0.20 -23.93 -36.98
C VAL C 10 -1.29 -24.02 -35.91
N LYS C 11 -1.91 -25.19 -35.79
CA LYS C 11 -2.82 -25.45 -34.68
C LYS C 11 -2.30 -26.68 -33.94
N PRO C 12 -2.43 -26.69 -32.61
CA PRO C 12 -2.08 -27.88 -31.83
C PRO C 12 -3.20 -28.91 -31.89
N ASN C 13 -3.00 -30.05 -31.24
CA ASN C 13 -3.96 -31.15 -31.28
C ASN C 13 -3.99 -31.90 -29.97
N TYR C 14 -4.17 -31.17 -28.88
CA TYR C 14 -4.31 -31.79 -27.58
C TYR C 14 -5.42 -32.84 -27.57
N ALA C 15 -5.12 -33.97 -26.94
CA ALA C 15 -6.09 -35.07 -26.86
C ALA C 15 -6.08 -35.65 -25.45
N LEU C 16 -7.21 -36.18 -25.02
CA LEU C 16 -7.37 -36.61 -23.65
C LEU C 16 -6.51 -37.84 -23.41
N LYS C 17 -5.75 -37.85 -22.32
CA LYS C 17 -4.92 -38.99 -21.93
C LYS C 17 -5.35 -39.60 -20.60
N PHE C 18 -5.56 -38.75 -19.60
CA PHE C 18 -5.94 -39.22 -18.28
C PHE C 18 -6.97 -38.31 -17.61
N THR C 19 -7.93 -38.92 -16.94
CA THR C 19 -8.80 -38.20 -16.03
C THR C 19 -8.43 -38.63 -14.61
N LEU C 20 -7.97 -37.69 -13.80
CA LEU C 20 -7.55 -38.05 -12.45
C LEU C 20 -8.69 -37.75 -11.45
N ALA C 21 -9.14 -38.78 -10.74
CA ALA C 21 -10.22 -38.64 -9.76
C ALA C 21 -9.71 -38.90 -8.35
N GLY C 22 -10.27 -38.20 -7.39
CA GLY C 22 -9.89 -38.41 -6.01
C GLY C 22 -10.34 -37.30 -5.07
N HIS C 23 -10.37 -36.07 -5.59
CA HIS C 23 -10.86 -34.96 -4.78
C HIS C 23 -12.35 -35.11 -4.60
N THR C 24 -12.81 -34.94 -3.37
CA THR C 24 -14.23 -35.08 -3.05
C THR C 24 -15.04 -33.79 -3.18
N LYS C 25 -14.38 -32.65 -3.28
CA LYS C 25 -15.07 -31.40 -3.61
C LYS C 25 -14.38 -30.72 -4.79
N ALA C 26 -14.85 -29.54 -5.16
CA ALA C 26 -14.28 -28.80 -6.31
C ALA C 26 -12.75 -28.62 -6.21
N VAL C 27 -12.07 -28.79 -7.34
CA VAL C 27 -10.63 -28.60 -7.42
C VAL C 27 -10.34 -27.13 -7.66
N SER C 28 -9.48 -26.53 -6.83
CA SER C 28 -9.18 -25.11 -6.92
C SER C 28 -8.04 -24.76 -7.88
N SER C 29 -6.90 -25.48 -7.82
CA SER C 29 -5.82 -25.22 -8.79
C SER C 29 -4.89 -26.39 -9.11
N VAL C 30 -4.41 -26.45 -10.34
CA VAL C 30 -3.34 -27.38 -10.72
C VAL C 30 -2.01 -26.72 -11.06
N LYS C 31 -0.92 -27.35 -10.65
CA LYS C 31 0.42 -26.85 -10.94
C LYS C 31 1.41 -27.99 -11.18
N PHE C 32 2.01 -28.04 -12.36
CA PHE C 32 3.12 -28.95 -12.58
C PHE C 32 4.36 -28.53 -11.82
N SER C 33 5.03 -29.48 -11.19
CA SER C 33 6.30 -29.20 -10.54
C SER C 33 7.35 -28.83 -11.59
N PRO C 34 8.33 -27.97 -11.23
CA PRO C 34 9.30 -27.52 -12.23
C PRO C 34 10.10 -28.68 -12.87
N ASN C 35 10.37 -29.75 -12.11
CA ASN C 35 11.13 -30.89 -12.65
C ASN C 35 10.29 -31.76 -13.58
N GLY C 36 9.05 -31.35 -13.78
CA GLY C 36 8.18 -31.98 -14.75
C GLY C 36 7.56 -33.31 -14.35
N GLU C 37 7.88 -33.83 -13.17
CA GLU C 37 7.46 -35.18 -12.77
C GLU C 37 6.05 -35.30 -12.21
N TRP C 38 5.64 -34.32 -11.41
CA TRP C 38 4.34 -34.39 -10.78
C TRP C 38 3.40 -33.25 -11.13
N LEU C 39 2.20 -33.35 -10.59
CA LEU C 39 1.19 -32.30 -10.67
C LEU C 39 0.63 -32.20 -9.27
N ALA C 40 0.47 -30.98 -8.77
CA ALA C 40 -0.15 -30.81 -7.46
C ALA C 40 -1.50 -30.16 -7.67
N SER C 41 -2.50 -30.63 -6.93
CA SER C 41 -3.81 -30.01 -6.97
C SER C 41 -4.27 -29.65 -5.56
N SER C 42 -5.03 -28.55 -5.48
CA SER C 42 -5.65 -28.12 -4.23
C SER C 42 -7.14 -28.19 -4.46
N SER C 43 -7.92 -28.13 -3.38
CA SER C 43 -9.34 -28.33 -3.51
C SER C 43 -10.13 -27.85 -2.30
N ALA C 44 -11.40 -27.54 -2.54
CA ALA C 44 -12.33 -27.15 -1.48
C ALA C 44 -12.45 -28.22 -0.41
N ASP C 45 -11.91 -29.41 -0.68
CA ASP C 45 -11.98 -30.50 0.29
C ASP C 45 -10.83 -30.48 1.31
N LYS C 46 -10.12 -29.35 1.36
CA LYS C 46 -9.09 -29.10 2.35
C LYS C 46 -7.78 -29.82 2.03
N LEU C 47 -7.71 -30.46 0.87
CA LEU C 47 -6.58 -31.35 0.60
C LEU C 47 -5.75 -30.93 -0.58
N ILE C 48 -4.46 -31.23 -0.45
CA ILE C 48 -3.55 -31.20 -1.58
C ILE C 48 -3.31 -32.64 -2.03
N LYS C 49 -3.41 -32.89 -3.33
CA LYS C 49 -3.07 -34.21 -3.84
C LYS C 49 -1.91 -34.14 -4.87
N ILE C 50 -1.02 -35.12 -4.81
CA ILE C 50 0.10 -35.18 -5.74
C ILE C 50 -0.12 -36.31 -6.75
N TRP C 51 0.02 -36.00 -8.03
CA TRP C 51 -0.20 -36.99 -9.09
C TRP C 51 1.02 -37.09 -10.00
N GLY C 52 1.17 -38.23 -10.67
CA GLY C 52 2.24 -38.38 -11.63
C GLY C 52 1.89 -37.66 -12.91
N ALA C 53 2.85 -36.92 -13.46
CA ALA C 53 2.59 -36.11 -14.65
C ALA C 53 2.43 -37.00 -15.90
N TYR C 54 3.11 -38.12 -15.92
CA TYR C 54 3.21 -38.90 -17.14
C TYR C 54 2.18 -40.02 -17.18
N ASP C 55 1.81 -40.52 -16.00
CA ASP C 55 0.88 -41.65 -15.91
C ASP C 55 -0.48 -41.27 -15.32
N GLY C 56 -0.54 -40.16 -14.61
CA GLY C 56 -1.78 -39.71 -13.99
C GLY C 56 -2.13 -40.44 -12.69
N LYS C 57 -1.12 -41.06 -12.07
CA LYS C 57 -1.35 -41.86 -10.89
C LYS C 57 -1.32 -41.02 -9.61
N PHE C 58 -2.27 -41.28 -8.72
CA PHE C 58 -2.27 -40.66 -7.40
C PHE C 58 -1.02 -41.08 -6.62
N GLU C 59 -0.31 -40.10 -6.06
CA GLU C 59 0.93 -40.33 -5.34
C GLU C 59 0.69 -40.22 -3.84
N LYS C 60 0.01 -39.14 -3.46
CA LYS C 60 -0.27 -38.89 -2.04
C LYS C 60 -1.24 -37.76 -1.80
N THR C 61 -1.76 -37.73 -0.57
CA THR C 61 -2.59 -36.62 -0.08
C THR C 61 -1.81 -35.85 0.99
N ILE C 62 -1.95 -34.53 0.98
CA ILE C 62 -1.30 -33.68 1.97
C ILE C 62 -2.44 -32.96 2.69
N SER C 63 -2.54 -33.14 4.00
CA SER C 63 -3.62 -32.51 4.76
C SER C 63 -3.11 -31.79 6.00
N GLY C 64 -3.94 -30.94 6.56
CA GLY C 64 -3.57 -30.16 7.74
C GLY C 64 -4.30 -28.84 7.82
N HIS C 65 -4.67 -28.31 6.65
CA HIS C 65 -5.47 -27.09 6.61
C HIS C 65 -6.85 -27.31 7.24
N LYS C 66 -7.41 -26.26 7.80
CA LYS C 66 -8.66 -26.39 8.53
C LYS C 66 -9.88 -26.02 7.69
N LEU C 67 -9.67 -25.22 6.64
CA LEU C 67 -10.74 -24.96 5.68
C LEU C 67 -10.17 -25.24 4.31
N GLY C 68 -10.95 -24.93 3.28
CA GLY C 68 -10.55 -25.17 1.90
C GLY C 68 -9.27 -24.47 1.48
N ILE C 69 -8.81 -24.79 0.27
CA ILE C 69 -7.57 -24.27 -0.25
C ILE C 69 -7.80 -23.75 -1.65
N SER C 70 -7.41 -22.49 -1.90
CA SER C 70 -7.71 -21.80 -3.15
C SER C 70 -6.54 -21.79 -4.13
N ASP C 71 -5.35 -22.09 -3.63
CA ASP C 71 -4.16 -22.08 -4.47
C ASP C 71 -3.03 -22.95 -3.92
N VAL C 72 -2.16 -23.39 -4.81
CA VAL C 72 -1.00 -24.15 -4.41
C VAL C 72 0.15 -23.87 -5.40
N ALA C 73 1.37 -23.79 -4.89
CA ALA C 73 2.50 -23.47 -5.75
C ALA C 73 3.76 -24.23 -5.31
N TRP C 74 4.54 -24.66 -6.30
CA TRP C 74 5.80 -25.39 -6.07
C TRP C 74 7.00 -24.44 -5.88
N SER C 75 7.98 -24.87 -5.08
CA SER C 75 9.25 -24.16 -5.02
C SER C 75 10.12 -24.57 -6.20
N SER C 76 11.18 -23.81 -6.48
CA SER C 76 11.95 -24.01 -7.71
C SER C 76 12.62 -25.40 -7.87
N ASP C 77 13.01 -26.00 -6.75
CA ASP C 77 13.66 -27.31 -6.79
C ASP C 77 12.65 -28.46 -6.58
N SER C 78 11.38 -28.14 -6.66
CA SER C 78 10.32 -29.14 -6.53
C SER C 78 10.32 -29.86 -5.18
N ASN C 79 11.09 -29.37 -4.21
CA ASN C 79 11.07 -29.93 -2.86
C ASN C 79 9.90 -29.49 -1.97
N LEU C 80 9.33 -28.32 -2.27
CA LEU C 80 8.35 -27.72 -1.38
C LEU C 80 7.05 -27.32 -2.07
N LEU C 81 5.96 -27.33 -1.30
CA LEU C 81 4.72 -26.70 -1.73
C LEU C 81 4.34 -25.62 -0.74
N VAL C 82 3.61 -24.63 -1.23
CA VAL C 82 2.97 -23.66 -0.37
C VAL C 82 1.52 -23.66 -0.79
N SER C 83 0.63 -23.49 0.17
CA SER C 83 -0.80 -23.54 -0.09
C SER C 83 -1.51 -22.39 0.61
N ALA C 84 -2.55 -21.88 -0.03
CA ALA C 84 -3.29 -20.73 0.47
C ALA C 84 -4.71 -21.10 0.88
N SER C 85 -5.01 -20.97 2.16
CA SER C 85 -6.26 -21.55 2.67
C SER C 85 -7.22 -20.51 3.27
N ASP C 86 -8.50 -20.87 3.37
CA ASP C 86 -9.47 -20.02 4.02
C ASP C 86 -9.25 -19.96 5.52
N ASP C 87 -8.44 -20.88 6.05
CA ASP C 87 -8.21 -20.90 7.49
C ASP C 87 -7.37 -19.70 7.91
N LYS C 88 -7.12 -18.79 6.98
CA LYS C 88 -6.34 -17.56 7.24
C LYS C 88 -4.81 -17.73 7.23
N THR C 89 -4.35 -18.89 6.82
CA THR C 89 -2.92 -19.16 6.80
C THR C 89 -2.41 -19.68 5.46
N LEU C 90 -1.08 -19.74 5.34
CA LEU C 90 -0.44 -20.50 4.28
C LEU C 90 0.34 -21.60 4.94
N LYS C 91 0.54 -22.70 4.23
CA LYS C 91 1.38 -23.73 4.79
C LYS C 91 2.54 -24.11 3.85
N ILE C 92 3.72 -24.30 4.42
CA ILE C 92 4.85 -24.77 3.63
C ILE C 92 5.03 -26.27 3.85
N TRP C 93 4.98 -27.03 2.78
CA TRP C 93 5.00 -28.48 2.88
C TRP C 93 6.27 -29.08 2.31
N ASP C 94 6.80 -30.07 3.01
CA ASP C 94 7.82 -30.92 2.44
C ASP C 94 7.14 -31.92 1.50
N VAL C 95 7.38 -31.79 0.21
CA VAL C 95 6.69 -32.65 -0.75
C VAL C 95 6.99 -34.15 -0.58
N SER C 96 8.16 -34.48 -0.06
CA SER C 96 8.49 -35.90 0.10
C SER C 96 7.92 -36.50 1.36
N SER C 97 8.18 -35.86 2.50
CA SER C 97 7.67 -36.38 3.77
C SER C 97 6.17 -36.15 3.91
N GLY C 98 5.65 -35.13 3.23
CA GLY C 98 4.24 -34.83 3.32
C GLY C 98 3.93 -33.93 4.50
N LYS C 99 4.93 -33.66 5.33
CA LYS C 99 4.70 -32.93 6.58
C LYS C 99 4.69 -31.41 6.42
N CYS C 100 3.96 -30.71 7.29
CA CYS C 100 3.93 -29.26 7.30
C CYS C 100 5.17 -28.72 7.99
N LEU C 101 5.98 -27.95 7.26
CA LEU C 101 7.21 -27.36 7.82
C LEU C 101 6.94 -26.06 8.56
N LYS C 102 6.18 -25.16 7.93
CA LYS C 102 5.86 -23.88 8.53
C LYS C 102 4.38 -23.58 8.33
N THR C 103 3.84 -22.78 9.25
CA THR C 103 2.52 -22.19 9.09
C THR C 103 2.67 -20.67 9.09
N LEU C 104 2.31 -20.05 7.98
CA LEU C 104 2.46 -18.62 7.84
C LEU C 104 1.20 -17.90 8.32
N LYS C 105 1.30 -17.25 9.48
CA LYS C 105 0.17 -16.54 10.08
C LYS C 105 0.36 -15.03 10.04
N GLY C 106 -0.67 -14.32 9.57
CA GLY C 106 -0.65 -12.87 9.53
C GLY C 106 -1.91 -12.30 8.89
N HIS C 107 -2.31 -12.86 7.76
CA HIS C 107 -3.52 -12.41 7.07
C HIS C 107 -4.73 -12.39 8.00
N SER C 108 -5.69 -11.52 7.70
CA SER C 108 -6.87 -11.39 8.55
C SER C 108 -8.10 -11.90 7.84
N ASN C 109 -7.91 -12.71 6.80
CA ASN C 109 -9.04 -13.24 6.06
C ASN C 109 -8.57 -14.36 5.11
N TYR C 110 -9.47 -14.88 4.27
CA TYR C 110 -9.10 -16.02 3.44
C TYR C 110 -7.79 -15.72 2.71
N VAL C 111 -6.88 -16.68 2.68
CA VAL C 111 -5.72 -16.55 1.80
C VAL C 111 -6.07 -17.14 0.43
N PHE C 112 -5.87 -16.35 -0.62
CA PHE C 112 -6.45 -16.67 -1.93
C PHE C 112 -5.42 -17.15 -2.97
N CYS C 113 -4.24 -16.55 -2.98
CA CYS C 113 -3.25 -16.86 -4.00
C CYS C 113 -1.86 -16.85 -3.38
N CYS C 114 -0.90 -17.53 -4.03
CA CYS C 114 0.44 -17.67 -3.46
C CYS C 114 1.46 -18.14 -4.51
N ASN C 115 2.74 -17.88 -4.24
CA ASN C 115 3.84 -18.25 -5.14
C ASN C 115 5.19 -18.09 -4.44
N PHE C 116 6.18 -18.88 -4.84
CA PHE C 116 7.56 -18.63 -4.43
C PHE C 116 8.17 -17.70 -5.45
N ASN C 117 9.21 -16.97 -5.03
CA ASN C 117 10.07 -16.29 -5.99
C ASN C 117 10.98 -17.35 -6.66
N PRO C 118 11.58 -17.02 -7.82
CA PRO C 118 12.42 -18.02 -8.47
C PRO C 118 13.48 -18.59 -7.52
N GLN C 119 14.10 -17.73 -6.72
CA GLN C 119 15.10 -18.16 -5.75
C GLN C 119 14.45 -19.09 -4.74
N SER C 120 13.16 -18.87 -4.51
CA SER C 120 12.33 -19.71 -3.64
C SER C 120 12.76 -19.64 -2.17
N ASN C 121 13.19 -18.46 -1.76
CA ASN C 121 13.39 -18.21 -0.35
C ASN C 121 12.34 -17.21 0.16
N LEU C 122 11.53 -16.69 -0.76
CA LEU C 122 10.40 -15.83 -0.40
C LEU C 122 9.13 -16.41 -0.95
N ILE C 123 8.04 -16.21 -0.21
CA ILE C 123 6.69 -16.51 -0.70
C ILE C 123 5.88 -15.23 -0.81
N VAL C 124 5.11 -15.10 -1.89
CA VAL C 124 4.17 -14.00 -1.99
C VAL C 124 2.75 -14.54 -1.83
N SER C 125 1.91 -13.81 -1.09
CA SER C 125 0.51 -14.22 -0.91
C SER C 125 -0.46 -13.09 -1.13
N GLY C 126 -1.68 -13.44 -1.52
CA GLY C 126 -2.73 -12.46 -1.72
C GLY C 126 -3.98 -12.88 -0.95
N SER C 127 -4.66 -11.91 -0.35
CA SER C 127 -5.72 -12.23 0.59
C SER C 127 -7.00 -11.41 0.37
N PHE C 128 -8.07 -11.80 1.05
CA PHE C 128 -9.33 -11.08 0.99
C PHE C 128 -9.33 -9.92 1.98
N ASP C 129 -8.31 -9.88 2.82
CA ASP C 129 -7.98 -8.71 3.62
C ASP C 129 -7.26 -7.64 2.79
N GLU C 130 -7.16 -7.90 1.48
CA GLU C 130 -6.66 -6.92 0.49
C GLU C 130 -5.16 -6.65 0.54
N SER C 131 -4.44 -7.35 1.40
CA SER C 131 -3.00 -7.16 1.45
C SER C 131 -2.32 -8.16 0.53
N VAL C 132 -1.10 -7.83 0.13
CA VAL C 132 -0.14 -8.78 -0.43
C VAL C 132 0.95 -8.94 0.62
N ARG C 133 1.21 -10.17 1.05
CA ARG C 133 2.28 -10.39 2.02
C ARG C 133 3.48 -11.10 1.44
N ILE C 134 4.66 -10.75 1.97
CA ILE C 134 5.89 -11.40 1.56
C ILE C 134 6.55 -12.11 2.73
N TRP C 135 6.71 -13.42 2.63
CA TRP C 135 7.14 -14.25 3.75
C TRP C 135 8.51 -14.84 3.53
N ASP C 136 9.29 -14.92 4.60
CA ASP C 136 10.59 -15.57 4.54
C ASP C 136 10.39 -17.08 4.66
N VAL C 137 10.76 -17.82 3.62
CA VAL C 137 10.54 -19.25 3.58
C VAL C 137 11.19 -20.01 4.75
N LYS C 138 12.41 -19.63 5.11
CA LYS C 138 13.18 -20.40 6.09
C LYS C 138 12.78 -20.17 7.54
N THR C 139 12.42 -18.93 7.87
CA THR C 139 11.98 -18.61 9.24
C THR C 139 10.47 -18.62 9.39
N GLY C 140 9.76 -18.27 8.32
CA GLY C 140 8.32 -18.23 8.32
C GLY C 140 7.72 -16.90 8.72
N LYS C 141 8.56 -15.86 8.80
CA LYS C 141 8.09 -14.57 9.26
C LYS C 141 7.57 -13.73 8.10
N CYS C 142 6.60 -12.86 8.40
CA CYS C 142 6.12 -11.90 7.43
C CYS C 142 7.08 -10.72 7.39
N LEU C 143 7.74 -10.55 6.26
CA LEU C 143 8.74 -9.51 6.14
C LEU C 143 8.06 -8.20 5.80
N LYS C 144 7.12 -8.26 4.86
CA LYS C 144 6.37 -7.07 4.44
C LYS C 144 4.87 -7.34 4.32
N THR C 145 4.10 -6.33 4.70
CA THR C 145 2.69 -6.31 4.37
C THR C 145 2.42 -5.08 3.51
N LEU C 146 1.82 -5.29 2.35
CA LEU C 146 1.44 -4.18 1.48
C LEU C 146 -0.06 -4.04 1.48
N PRO C 147 -0.56 -2.85 1.80
CA PRO C 147 -1.99 -2.55 1.62
C PRO C 147 -2.23 -2.36 0.12
N ALA C 148 -2.29 -3.46 -0.61
CA ALA C 148 -2.13 -3.41 -2.06
C ALA C 148 -3.37 -2.94 -2.81
N HIS C 149 -4.53 -3.40 -2.37
CA HIS C 149 -5.75 -3.10 -3.11
C HIS C 149 -6.91 -2.62 -2.22
N SER C 150 -7.97 -2.16 -2.88
CA SER C 150 -9.18 -1.74 -2.18
C SER C 150 -10.25 -2.79 -2.45
N ASP C 151 -9.80 -4.01 -2.76
CA ASP C 151 -10.68 -5.15 -2.99
C ASP C 151 -9.84 -6.39 -2.84
N PRO C 152 -10.50 -7.55 -2.64
CA PRO C 152 -9.71 -8.75 -2.38
C PRO C 152 -8.63 -8.95 -3.47
N VAL C 153 -7.49 -9.51 -3.07
CA VAL C 153 -6.40 -9.78 -4.01
C VAL C 153 -6.64 -11.12 -4.68
N SER C 154 -6.69 -11.13 -6.00
CA SER C 154 -7.03 -12.35 -6.71
C SER C 154 -5.84 -13.10 -7.35
N ALA C 155 -4.68 -12.47 -7.43
CA ALA C 155 -3.47 -13.14 -7.91
C ALA C 155 -2.20 -12.36 -7.52
N VAL C 156 -1.15 -13.11 -7.19
CA VAL C 156 0.17 -12.54 -7.00
C VAL C 156 1.17 -13.37 -7.78
N HIS C 157 2.22 -12.73 -8.29
CA HIS C 157 3.26 -13.48 -9.01
C HIS C 157 4.60 -12.73 -9.02
N PHE C 158 5.71 -13.46 -8.86
CA PHE C 158 7.06 -12.89 -9.01
C PHE C 158 7.49 -12.89 -10.47
N ASN C 159 8.49 -12.09 -10.82
CA ASN C 159 8.98 -12.10 -12.20
C ASN C 159 10.27 -12.91 -12.31
N ARG C 160 10.78 -13.10 -13.54
CA ARG C 160 11.92 -13.99 -13.81
C ARG C 160 13.08 -13.93 -12.81
N ASP C 161 13.35 -12.76 -12.27
CA ASP C 161 14.47 -12.58 -11.33
C ASP C 161 14.08 -12.29 -9.87
N GLY C 162 12.77 -12.22 -9.58
CA GLY C 162 12.29 -12.07 -8.21
C GLY C 162 12.32 -10.63 -7.69
N SER C 163 12.61 -9.69 -8.56
CA SER C 163 12.69 -8.30 -8.15
C SER C 163 11.33 -7.62 -8.18
N LEU C 164 10.42 -8.17 -8.97
CA LEU C 164 9.09 -7.60 -9.14
C LEU C 164 7.99 -8.59 -8.71
N ILE C 165 6.89 -8.01 -8.23
CA ILE C 165 5.67 -8.77 -7.92
C ILE C 165 4.50 -8.07 -8.61
N VAL C 166 3.73 -8.79 -9.40
CA VAL C 166 2.53 -8.22 -9.95
C VAL C 166 1.37 -8.73 -9.13
N SER C 167 0.35 -7.91 -8.96
CA SER C 167 -0.84 -8.36 -8.25
C SER C 167 -2.06 -7.78 -8.91
N SER C 168 -3.20 -8.43 -8.73
CA SER C 168 -4.45 -7.95 -9.30
C SER C 168 -5.61 -8.02 -8.31
N SER C 169 -6.74 -7.44 -8.68
CA SER C 169 -7.83 -7.31 -7.73
C SER C 169 -9.17 -7.04 -8.39
N TYR C 170 -10.24 -7.30 -7.65
CA TYR C 170 -11.57 -6.99 -8.12
C TYR C 170 -11.73 -5.48 -8.28
N ASP C 171 -10.83 -4.69 -7.67
CA ASP C 171 -10.86 -3.22 -7.80
C ASP C 171 -10.55 -2.75 -9.23
N GLY C 172 -10.07 -3.68 -10.07
CA GLY C 172 -9.86 -3.41 -11.48
C GLY C 172 -8.45 -3.01 -11.90
N LEU C 173 -7.51 -3.03 -10.97
CA LEU C 173 -6.15 -2.62 -11.24
C LEU C 173 -5.18 -3.78 -11.13
N CYS C 174 -4.12 -3.75 -11.93
CA CYS C 174 -2.93 -4.54 -11.67
C CYS C 174 -1.85 -3.61 -11.16
N ARG C 175 -1.09 -4.07 -10.16
CA ARG C 175 -0.05 -3.26 -9.56
C ARG C 175 1.29 -3.99 -9.52
N ILE C 176 2.36 -3.33 -9.95
CA ILE C 176 3.69 -3.95 -9.93
C ILE C 176 4.47 -3.40 -8.76
N TRP C 177 5.13 -4.29 -8.03
CA TRP C 177 5.76 -3.89 -6.80
C TRP C 177 7.23 -4.18 -6.84
N ASP C 178 7.98 -3.46 -6.02
CA ASP C 178 9.38 -3.72 -5.83
C ASP C 178 9.51 -4.65 -4.63
N THR C 179 9.87 -5.89 -4.90
CA THR C 179 10.06 -6.90 -3.86
C THR C 179 10.83 -6.42 -2.63
N ALA C 180 11.88 -5.62 -2.85
CA ALA C 180 12.82 -5.28 -1.77
C ALA C 180 12.38 -4.10 -0.93
N SER C 181 11.87 -3.07 -1.60
CA SER C 181 11.44 -1.85 -0.92
C SER C 181 9.99 -1.94 -0.42
N GLY C 182 9.11 -2.50 -1.25
CA GLY C 182 7.69 -2.50 -0.97
C GLY C 182 6.98 -1.44 -1.79
N GLN C 183 7.73 -0.56 -2.44
CA GLN C 183 7.17 0.54 -3.22
C GLN C 183 6.38 0.06 -4.40
N CYS C 184 5.33 0.79 -4.74
CA CYS C 184 4.56 0.43 -5.92
C CYS C 184 5.15 1.11 -7.14
N LEU C 185 5.47 0.33 -8.17
CA LEU C 185 6.21 0.83 -9.33
C LEU C 185 5.33 1.24 -10.49
N LYS C 186 4.32 0.46 -10.78
CA LYS C 186 3.42 0.79 -11.86
C LYS C 186 2.01 0.23 -11.62
N THR C 187 1.03 0.84 -12.27
CA THR C 187 -0.36 0.47 -12.11
C THR C 187 -0.98 0.44 -13.51
N LEU C 188 -1.61 -0.67 -13.88
CA LEU C 188 -2.23 -0.75 -15.21
C LEU C 188 -3.73 -0.46 -15.14
N ILE C 189 -4.21 0.44 -15.99
CA ILE C 189 -5.62 0.78 -15.97
C ILE C 189 -6.27 0.61 -17.33
N ASP C 192 -10.86 0.94 -19.92
CA ASP C 192 -11.70 0.74 -18.75
C ASP C 192 -11.02 -0.05 -17.64
N ASN C 193 -11.80 -0.51 -16.66
CA ASN C 193 -11.27 -1.17 -15.47
C ASN C 193 -12.18 -2.21 -14.78
N PRO C 194 -12.60 -3.24 -15.52
CA PRO C 194 -13.39 -4.34 -14.95
C PRO C 194 -12.54 -5.21 -14.02
N PRO C 195 -13.18 -6.04 -13.18
CA PRO C 195 -12.42 -6.80 -12.18
C PRO C 195 -11.36 -7.70 -12.81
N VAL C 196 -10.16 -7.67 -12.25
CA VAL C 196 -9.08 -8.52 -12.73
C VAL C 196 -9.02 -9.79 -11.88
N SER C 197 -9.31 -10.92 -12.50
CA SER C 197 -9.42 -12.20 -11.79
C SER C 197 -8.13 -13.01 -11.80
N PHE C 198 -7.13 -12.52 -12.52
CA PHE C 198 -5.85 -13.23 -12.63
C PHE C 198 -4.78 -12.40 -13.35
N VAL C 199 -3.56 -12.40 -12.82
CA VAL C 199 -2.41 -11.89 -13.58
C VAL C 199 -1.18 -12.72 -13.34
N LYS C 200 -0.30 -12.76 -14.33
CA LYS C 200 1.04 -13.31 -14.17
C LYS C 200 1.97 -12.70 -15.20
N PHE C 201 3.27 -12.79 -14.95
CA PHE C 201 4.24 -12.31 -15.92
C PHE C 201 4.42 -13.34 -17.02
N SER C 202 4.76 -12.86 -18.20
CA SER C 202 5.22 -13.76 -19.25
C SER C 202 6.60 -14.31 -18.80
N PRO C 203 7.07 -15.42 -19.43
CA PRO C 203 8.29 -16.08 -18.97
C PRO C 203 9.55 -15.22 -19.08
N ASN C 204 9.59 -14.38 -20.12
CA ASN C 204 10.64 -13.38 -20.27
C ASN C 204 10.43 -12.17 -19.35
N GLY C 205 9.26 -12.07 -18.73
CA GLY C 205 9.00 -11.04 -17.74
C GLY C 205 8.80 -9.63 -18.29
N LYS C 206 8.46 -9.53 -19.56
CA LYS C 206 8.36 -8.25 -20.25
C LYS C 206 6.90 -7.80 -20.34
N TYR C 207 6.02 -8.79 -20.41
CA TYR C 207 4.59 -8.55 -20.49
C TYR C 207 3.93 -9.15 -19.27
N ILE C 208 2.69 -8.75 -19.02
CA ILE C 208 1.90 -9.45 -18.03
C ILE C 208 0.58 -9.84 -18.67
N LEU C 209 0.07 -10.99 -18.26
CA LEU C 209 -1.19 -11.51 -18.78
C LEU C 209 -2.27 -11.31 -17.74
N ALA C 210 -3.38 -10.69 -18.12
CA ALA C 210 -4.43 -10.37 -17.15
C ALA C 210 -5.81 -10.83 -17.62
N ALA C 211 -6.52 -11.54 -16.75
CA ALA C 211 -7.89 -11.96 -17.02
C ALA C 211 -8.93 -11.06 -16.31
N THR C 212 -9.99 -10.67 -16.99
CA THR C 212 -11.02 -9.84 -16.35
C THR C 212 -12.40 -10.47 -16.46
N LEU C 213 -13.30 -10.09 -15.57
CA LEU C 213 -14.61 -10.72 -15.52
C LEU C 213 -15.54 -10.16 -16.57
N ASP C 214 -14.96 -9.65 -17.65
CA ASP C 214 -15.73 -9.30 -18.85
C ASP C 214 -15.35 -10.23 -20.03
N ASN C 215 -15.04 -11.48 -19.71
CA ASN C 215 -14.74 -12.48 -20.73
C ASN C 215 -13.58 -12.08 -21.63
N THR C 216 -12.44 -11.72 -21.04
CA THR C 216 -11.34 -11.14 -21.81
C THR C 216 -10.00 -11.36 -21.14
N LEU C 217 -9.04 -11.91 -21.89
CA LEU C 217 -7.62 -11.90 -21.49
C LEU C 217 -6.85 -10.82 -22.25
N LYS C 218 -6.12 -9.98 -21.53
CA LYS C 218 -5.35 -8.91 -22.16
C LYS C 218 -3.88 -9.22 -21.93
N LEU C 219 -3.05 -8.91 -22.93
CA LEU C 219 -1.61 -9.06 -22.79
C LEU C 219 -1.01 -7.67 -22.76
N TRP C 220 -0.30 -7.34 -21.69
CA TRP C 220 0.16 -5.98 -21.47
C TRP C 220 1.64 -5.83 -21.62
N ASP C 221 2.09 -4.82 -22.36
CA ASP C 221 3.49 -4.45 -22.29
C ASP C 221 3.70 -3.75 -20.96
N TYR C 222 4.41 -4.43 -20.08
CA TYR C 222 4.56 -3.99 -18.71
C TYR C 222 5.22 -2.61 -18.60
N SER C 223 6.37 -2.41 -19.24
CA SER C 223 7.09 -1.13 -19.15
C SER C 223 6.42 0.05 -19.88
N LYS C 224 6.01 -0.14 -21.14
CA LYS C 224 5.29 0.90 -21.88
C LYS C 224 3.87 1.08 -21.36
N GLY C 225 3.52 0.36 -20.29
CA GLY C 225 2.18 0.39 -19.74
C GLY C 225 1.01 0.36 -20.70
N LYS C 226 1.13 -0.35 -21.84
CA LYS C 226 0.02 -0.42 -22.79
C LYS C 226 -0.40 -1.84 -23.21
N CYS C 227 -1.61 -1.97 -23.74
CA CYS C 227 -2.21 -3.26 -24.05
C CYS C 227 -1.96 -3.69 -25.50
N LEU C 228 -1.30 -4.83 -25.67
CA LEU C 228 -0.81 -5.28 -26.97
C LEU C 228 -1.73 -6.24 -27.72
N LYS C 229 -2.49 -7.02 -26.96
CA LYS C 229 -3.32 -8.04 -27.55
C LYS C 229 -4.44 -8.40 -26.60
N THR C 230 -5.60 -8.74 -27.15
CA THR C 230 -6.70 -9.18 -26.31
C THR C 230 -7.33 -10.48 -26.86
N TYR C 231 -7.57 -11.42 -25.96
CA TYR C 231 -8.13 -12.71 -26.34
C TYR C 231 -9.52 -12.88 -25.75
N THR C 232 -10.45 -13.27 -26.59
CA THR C 232 -11.84 -13.46 -26.18
C THR C 232 -12.40 -14.74 -26.77
N GLY C 233 -13.68 -15.01 -26.47
CA GLY C 233 -14.35 -16.19 -26.98
C GLY C 233 -14.72 -17.19 -25.91
N HIS C 234 -14.09 -17.09 -24.74
CA HIS C 234 -14.45 -17.95 -23.61
C HIS C 234 -15.49 -17.25 -22.73
N LYS C 235 -15.96 -17.96 -21.71
CA LYS C 235 -16.89 -17.40 -20.74
C LYS C 235 -16.19 -17.23 -19.41
N ASN C 236 -16.18 -16.01 -18.88
CA ASN C 236 -15.53 -15.75 -17.61
C ASN C 236 -16.07 -14.48 -16.98
N GLU C 237 -16.96 -14.65 -16.00
CA GLU C 237 -17.68 -13.54 -15.39
C GLU C 237 -17.79 -13.69 -13.88
N LYS C 238 -17.34 -14.83 -13.36
CA LYS C 238 -17.53 -15.11 -11.93
C LYS C 238 -16.24 -15.52 -11.25
N TYR C 239 -15.58 -16.52 -11.82
CA TYR C 239 -14.50 -17.19 -11.12
C TYR C 239 -13.13 -16.63 -11.46
N CYS C 240 -12.22 -16.68 -10.49
CA CYS C 240 -10.84 -16.35 -10.75
C CYS C 240 -10.13 -17.55 -11.40
N ILE C 241 -10.12 -17.53 -12.73
CA ILE C 241 -9.68 -18.64 -13.53
C ILE C 241 -8.22 -18.44 -13.88
N PHE C 242 -7.43 -19.52 -13.81
CA PHE C 242 -6.00 -19.44 -14.16
C PHE C 242 -5.79 -19.41 -15.67
N ALA C 243 -4.87 -18.55 -16.12
CA ALA C 243 -4.47 -18.49 -17.53
C ALA C 243 -2.98 -18.84 -17.68
N ASN C 244 -2.60 -19.27 -18.87
CA ASN C 244 -1.25 -19.81 -19.09
C ASN C 244 -0.58 -19.38 -20.38
N PHE C 245 0.74 -19.21 -20.30
CA PHE C 245 1.59 -19.16 -21.48
C PHE C 245 2.02 -20.59 -21.79
N SER C 246 1.71 -21.07 -22.98
CA SER C 246 2.27 -22.35 -23.42
C SER C 246 3.48 -22.09 -24.30
N VAL C 247 4.65 -22.56 -23.88
CA VAL C 247 5.88 -22.29 -24.64
C VAL C 247 6.63 -23.51 -25.17
N THR C 248 6.23 -24.72 -24.76
CA THR C 248 6.97 -25.94 -25.16
C THR C 248 6.91 -26.29 -26.66
N GLY C 249 5.77 -26.00 -27.28
CA GLY C 249 5.61 -26.23 -28.71
C GLY C 249 5.31 -24.93 -29.43
N GLY C 250 4.14 -24.85 -30.05
CA GLY C 250 3.65 -23.56 -30.53
C GLY C 250 3.50 -22.63 -29.34
N LYS C 251 3.52 -21.32 -29.58
CA LYS C 251 3.32 -20.34 -28.52
C LYS C 251 1.83 -19.97 -28.36
N TRP C 252 1.20 -20.44 -27.28
CA TRP C 252 -0.24 -20.26 -27.11
C TRP C 252 -0.58 -19.52 -25.84
N ILE C 253 -1.81 -19.04 -25.76
CA ILE C 253 -2.39 -18.68 -24.47
C ILE C 253 -3.37 -19.78 -24.16
N VAL C 254 -3.34 -20.27 -22.92
CA VAL C 254 -4.25 -21.32 -22.48
C VAL C 254 -5.09 -20.79 -21.32
N SER C 255 -6.30 -21.31 -21.14
CA SER C 255 -7.17 -20.83 -20.06
C SER C 255 -8.40 -21.68 -19.85
N GLY C 256 -8.81 -21.80 -18.59
CA GLY C 256 -10.09 -22.44 -18.29
C GLY C 256 -11.23 -21.55 -18.73
N SER C 257 -12.44 -22.08 -18.71
CA SER C 257 -13.61 -21.30 -19.12
C SER C 257 -14.85 -21.71 -18.32
N GLU C 258 -15.82 -20.82 -18.23
CA GLU C 258 -17.04 -21.09 -17.44
C GLU C 258 -18.09 -21.85 -18.23
N ASP C 259 -17.79 -22.13 -19.50
CA ASP C 259 -18.64 -22.99 -20.31
C ASP C 259 -18.11 -24.43 -20.38
N ASN C 260 -17.13 -24.72 -19.51
CA ASN C 260 -16.57 -26.08 -19.34
C ASN C 260 -15.46 -26.48 -20.30
N LEU C 261 -14.99 -25.57 -21.12
CA LEU C 261 -13.98 -25.90 -22.11
C LEU C 261 -12.62 -25.34 -21.70
N VAL C 262 -11.54 -25.94 -22.19
CA VAL C 262 -10.22 -25.33 -22.11
C VAL C 262 -10.01 -24.57 -23.42
N TYR C 263 -9.65 -23.29 -23.33
CA TYR C 263 -9.39 -22.49 -24.52
C TYR C 263 -7.90 -22.32 -24.81
N ILE C 264 -7.53 -22.54 -26.06
CA ILE C 264 -6.16 -22.29 -26.51
C ILE C 264 -6.15 -21.25 -27.64
N TRP C 265 -5.44 -20.14 -27.42
CA TRP C 265 -5.32 -19.10 -28.44
C TRP C 265 -3.92 -19.05 -29.02
N ASN C 266 -3.82 -18.63 -30.27
CA ASN C 266 -2.54 -18.28 -30.85
C ASN C 266 -2.13 -16.93 -30.26
N LEU C 267 -1.00 -16.91 -29.55
CA LEU C 267 -0.58 -15.69 -28.87
C LEU C 267 -0.44 -14.49 -29.80
N GLN C 268 0.04 -14.71 -31.00
CA GLN C 268 0.29 -13.59 -31.91
C GLN C 268 -0.96 -13.12 -32.65
N THR C 269 -1.76 -14.07 -33.14
CA THR C 269 -2.91 -13.73 -33.95
C THR C 269 -4.21 -13.56 -33.16
N LYS C 270 -4.20 -13.95 -31.89
CA LYS C 270 -5.38 -13.86 -31.01
C LYS C 270 -6.51 -14.82 -31.38
N GLU C 271 -6.29 -15.65 -32.40
CA GLU C 271 -7.29 -16.61 -32.82
C GLU C 271 -7.30 -17.85 -31.94
N ILE C 272 -8.49 -18.36 -31.69
CA ILE C 272 -8.64 -19.60 -30.94
C ILE C 272 -8.16 -20.68 -31.87
N VAL C 273 -7.27 -21.53 -31.37
CA VAL C 273 -6.76 -22.62 -32.18
C VAL C 273 -7.30 -23.98 -31.75
N GLN C 274 -7.77 -24.07 -30.51
CA GLN C 274 -8.37 -25.30 -30.03
C GLN C 274 -9.18 -25.13 -28.74
N LYS C 275 -10.27 -25.88 -28.63
CA LYS C 275 -11.09 -25.93 -27.44
C LYS C 275 -11.24 -27.37 -26.94
N LEU C 276 -10.81 -27.62 -25.72
CA LEU C 276 -10.80 -28.98 -25.20
C LEU C 276 -12.10 -29.33 -24.51
N GLN C 277 -12.83 -30.29 -25.09
CA GLN C 277 -14.12 -30.71 -24.54
C GLN C 277 -13.95 -31.96 -23.68
N GLY C 278 -14.73 -32.05 -22.61
CA GLY C 278 -14.63 -33.22 -21.76
C GLY C 278 -15.01 -32.98 -20.32
N HIS C 279 -14.79 -31.77 -19.83
CA HIS C 279 -15.16 -31.42 -18.47
C HIS C 279 -16.66 -31.13 -18.34
N THR C 280 -17.22 -31.43 -17.18
CA THR C 280 -18.64 -31.31 -16.97
C THR C 280 -18.93 -30.23 -15.96
N ASP C 281 -18.04 -29.25 -15.90
CA ASP C 281 -18.23 -28.08 -15.06
C ASP C 281 -17.18 -27.06 -15.41
N VAL C 282 -17.34 -25.85 -14.89
CA VAL C 282 -16.36 -24.79 -15.07
C VAL C 282 -14.92 -25.27 -14.91
N VAL C 283 -14.07 -24.94 -15.87
CA VAL C 283 -12.65 -25.25 -15.75
C VAL C 283 -11.97 -24.08 -15.04
N ILE C 284 -11.68 -24.26 -13.75
CA ILE C 284 -11.13 -23.19 -12.92
C ILE C 284 -9.62 -23.01 -13.09
N SER C 285 -8.94 -24.05 -13.55
CA SER C 285 -7.48 -24.05 -13.51
C SER C 285 -6.88 -24.88 -14.65
N THR C 286 -5.91 -24.30 -15.33
CA THR C 286 -5.10 -25.04 -16.28
C THR C 286 -3.64 -24.78 -15.96
N ALA C 287 -2.77 -25.68 -16.40
CA ALA C 287 -1.33 -25.56 -16.19
C ALA C 287 -0.57 -26.23 -17.35
N CYS C 288 0.57 -25.66 -17.71
CA CYS C 288 1.35 -26.18 -18.82
C CYS C 288 2.62 -26.84 -18.33
N HIS C 289 2.93 -28.03 -18.88
CA HIS C 289 4.07 -28.80 -18.44
C HIS C 289 5.38 -28.07 -18.79
N PRO C 290 6.42 -28.21 -17.94
CA PRO C 290 7.73 -27.57 -18.12
C PRO C 290 8.38 -27.88 -19.46
N THR C 291 8.28 -29.12 -19.94
CA THR C 291 9.06 -29.50 -21.10
C THR C 291 8.24 -30.16 -22.22
N GLU C 292 7.13 -30.79 -21.85
CA GLU C 292 6.34 -31.53 -22.81
C GLU C 292 5.14 -30.70 -23.17
N ASN C 293 4.56 -30.97 -24.34
CA ASN C 293 3.28 -30.36 -24.70
C ASN C 293 2.15 -31.04 -23.93
N ILE C 294 1.97 -30.65 -22.68
CA ILE C 294 0.94 -31.23 -21.83
C ILE C 294 0.20 -30.17 -21.01
N ILE C 295 -1.12 -30.22 -21.08
CA ILE C 295 -1.97 -29.34 -20.28
C ILE C 295 -2.75 -30.14 -19.24
N ALA C 296 -2.73 -29.66 -17.99
CA ALA C 296 -3.63 -30.23 -16.98
C ALA C 296 -4.75 -29.24 -16.71
N SER C 297 -5.98 -29.72 -16.67
CA SER C 297 -7.10 -28.85 -16.34
C SER C 297 -7.90 -29.44 -15.20
N ALA C 298 -8.55 -28.58 -14.42
CA ALA C 298 -9.33 -29.02 -13.26
C ALA C 298 -10.66 -28.33 -13.30
N ALA C 299 -11.69 -28.97 -12.74
CA ALA C 299 -13.05 -28.47 -12.86
C ALA C 299 -13.69 -28.41 -11.50
N LEU C 300 -14.91 -27.90 -11.45
CA LEU C 300 -15.61 -27.64 -10.18
C LEU C 300 -16.49 -28.78 -9.67
N GLU C 301 -17.37 -28.43 -8.75
CA GLU C 301 -18.16 -29.38 -7.95
C GLU C 301 -18.84 -30.51 -8.72
N ASN C 302 -19.28 -30.25 -9.94
CA ASN C 302 -19.97 -31.26 -10.74
C ASN C 302 -19.02 -32.18 -11.51
N ASP C 303 -17.73 -31.93 -11.38
CA ASP C 303 -16.73 -32.67 -12.12
C ASP C 303 -15.74 -33.27 -11.13
N LYS C 304 -14.98 -32.42 -10.45
CA LYS C 304 -14.06 -32.84 -9.38
C LYS C 304 -12.84 -33.63 -9.86
N THR C 305 -12.56 -33.58 -11.16
CA THR C 305 -11.41 -34.28 -11.71
C THR C 305 -10.42 -33.34 -12.39
N ILE C 306 -9.17 -33.79 -12.44
CA ILE C 306 -8.14 -33.16 -13.24
C ILE C 306 -7.96 -33.97 -14.51
N LYS C 307 -7.79 -33.31 -15.64
CA LYS C 307 -7.54 -34.00 -16.91
C LYS C 307 -6.17 -33.67 -17.49
N LEU C 308 -5.52 -34.66 -18.09
CA LEU C 308 -4.21 -34.47 -18.72
C LEU C 308 -4.34 -34.65 -20.21
N TRP C 309 -3.93 -33.64 -20.98
CA TRP C 309 -4.05 -33.68 -22.43
C TRP C 309 -2.65 -33.52 -23.01
N LYS C 310 -2.40 -34.20 -24.13
CA LYS C 310 -1.11 -34.09 -24.80
C LYS C 310 -1.23 -33.74 -26.29
N SER C 311 -0.30 -32.92 -26.77
CA SER C 311 -0.31 -32.47 -28.15
C SER C 311 1.03 -32.76 -28.85
N ASP C 312 1.03 -32.71 -30.19
CA ASP C 312 2.28 -32.85 -30.94
C ASP C 312 3.02 -31.52 -31.06
N CYS C 313 2.32 -30.41 -30.82
CA CYS C 313 2.89 -29.07 -30.94
C CYS C 313 2.15 -28.09 -30.03
N VAL D 10 35.65 -11.25 4.37
CA VAL D 10 36.85 -11.96 4.80
C VAL D 10 36.93 -13.35 4.18
N LYS D 11 35.78 -14.01 4.08
CA LYS D 11 35.67 -15.25 3.29
C LYS D 11 34.21 -15.60 2.99
N PRO D 12 33.96 -16.14 1.79
CA PRO D 12 32.58 -16.29 1.31
C PRO D 12 31.93 -17.50 1.94
N ASN D 13 30.64 -17.72 1.66
CA ASN D 13 29.94 -18.88 2.21
C ASN D 13 29.01 -19.55 1.20
N TYR D 14 29.54 -19.80 0.01
CA TYR D 14 28.74 -20.41 -1.04
C TYR D 14 28.06 -21.69 -0.55
N ALA D 15 26.78 -21.80 -0.89
CA ALA D 15 25.97 -22.95 -0.48
C ALA D 15 25.16 -23.45 -1.68
N LEU D 16 24.88 -24.75 -1.71
CA LEU D 16 24.18 -25.32 -2.85
C LEU D 16 22.76 -24.82 -2.91
N LYS D 17 22.32 -24.36 -4.08
CA LYS D 17 20.93 -23.93 -4.28
C LYS D 17 20.17 -24.80 -5.29
N PHE D 18 20.80 -25.09 -6.42
CA PHE D 18 20.16 -25.90 -7.46
C PHE D 18 21.15 -26.80 -8.15
N THR D 19 20.72 -28.02 -8.43
CA THR D 19 21.43 -28.91 -9.31
C THR D 19 20.59 -29.02 -10.56
N LEU D 20 21.15 -28.61 -11.69
CA LEU D 20 20.42 -28.64 -12.95
C LEU D 20 20.79 -29.88 -13.74
N ALA D 21 19.81 -30.72 -14.03
CA ALA D 21 20.05 -31.91 -14.83
C ALA D 21 19.34 -31.84 -16.19
N GLY D 22 19.95 -32.43 -17.19
CA GLY D 22 19.34 -32.43 -18.51
C GLY D 22 20.28 -32.89 -19.59
N HIS D 23 21.54 -32.56 -19.43
CA HIS D 23 22.55 -32.98 -20.41
C HIS D 23 22.79 -34.48 -20.28
N THR D 24 22.80 -35.19 -21.40
CA THR D 24 22.97 -36.64 -21.40
C THR D 24 24.44 -37.12 -21.50
N LYS D 25 25.36 -36.22 -21.82
CA LYS D 25 26.79 -36.51 -21.73
C LYS D 25 27.49 -35.40 -20.94
N ALA D 26 28.82 -35.48 -20.83
CA ALA D 26 29.58 -34.48 -20.06
C ALA D 26 29.29 -33.03 -20.47
N VAL D 27 29.19 -32.16 -19.48
CA VAL D 27 29.03 -30.74 -19.74
C VAL D 27 30.38 -30.09 -19.99
N SER D 28 30.50 -29.36 -21.09
CA SER D 28 31.77 -28.73 -21.45
C SER D 28 32.01 -27.33 -20.84
N SER D 29 31.04 -26.42 -20.92
CA SER D 29 31.20 -25.09 -20.27
C SER D 29 29.91 -24.41 -19.84
N VAL D 30 29.99 -23.63 -18.76
CA VAL D 30 28.89 -22.75 -18.34
C VAL D 30 29.24 -21.25 -18.45
N LYS D 31 28.25 -20.45 -18.83
CA LYS D 31 28.43 -19.02 -18.98
C LYS D 31 27.14 -18.29 -18.67
N PHE D 32 27.17 -17.44 -17.64
CA PHE D 32 26.05 -16.53 -17.37
C PHE D 32 25.96 -15.47 -18.44
N SER D 33 24.74 -15.22 -18.93
CA SER D 33 24.51 -14.09 -19.83
C SER D 33 24.84 -12.78 -19.11
N PRO D 34 25.25 -11.74 -19.87
CA PRO D 34 25.62 -10.47 -19.23
C PRO D 34 24.46 -9.78 -18.49
N ASN D 35 23.23 -9.94 -18.96
CA ASN D 35 22.07 -9.36 -18.27
C ASN D 35 21.69 -10.11 -16.98
N GLY D 36 22.47 -11.12 -16.66
CA GLY D 36 22.34 -11.88 -15.42
C GLY D 36 21.16 -12.82 -15.30
N GLU D 37 20.36 -12.97 -16.36
CA GLU D 37 19.10 -13.74 -16.29
C GLU D 37 19.27 -15.23 -16.49
N TRP D 38 20.12 -15.60 -17.45
CA TRP D 38 20.27 -17.00 -17.81
C TRP D 38 21.67 -17.56 -17.64
N LEU D 39 21.75 -18.86 -17.84
CA LEU D 39 23.01 -19.56 -17.86
C LEU D 39 22.96 -20.40 -19.14
N ALA D 40 24.04 -20.41 -19.91
CA ALA D 40 24.10 -21.30 -21.07
C ALA D 40 25.10 -22.41 -20.80
N SER D 41 24.75 -23.63 -21.16
CA SER D 41 25.69 -24.74 -21.08
C SER D 41 25.86 -25.45 -22.42
N SER D 42 27.07 -25.95 -22.65
CA SER D 42 27.38 -26.72 -23.83
C SER D 42 27.79 -28.09 -23.34
N SER D 43 27.79 -29.09 -24.22
CA SER D 43 28.03 -30.45 -23.77
C SER D 43 28.42 -31.42 -24.86
N ALA D 44 29.14 -32.48 -24.47
CA ALA D 44 29.52 -33.54 -25.40
C ALA D 44 28.32 -34.15 -26.10
N ASP D 45 27.14 -33.84 -25.61
CA ASP D 45 25.93 -34.39 -26.22
C ASP D 45 25.43 -33.55 -27.42
N LYS D 46 26.27 -32.62 -27.90
CA LYS D 46 25.98 -31.84 -29.10
C LYS D 46 25.02 -30.68 -28.85
N LEU D 47 24.62 -30.49 -27.60
CA LEU D 47 23.56 -29.53 -27.32
C LEU D 47 24.01 -28.34 -26.49
N ILE D 48 23.33 -27.23 -26.73
CA ILE D 48 23.37 -26.08 -25.85
C ILE D 48 22.05 -26.05 -25.10
N LYS D 49 22.12 -25.89 -23.78
CA LYS D 49 20.92 -25.71 -22.99
C LYS D 49 20.89 -24.34 -22.29
N ILE D 50 19.71 -23.72 -22.24
CA ILE D 50 19.56 -22.46 -21.53
C ILE D 50 18.81 -22.67 -20.22
N TRP D 51 19.32 -22.14 -19.12
CA TRP D 51 18.70 -22.28 -17.80
C TRP D 51 18.46 -20.93 -17.13
N GLY D 52 17.53 -20.89 -16.19
CA GLY D 52 17.26 -19.67 -15.47
C GLY D 52 18.30 -19.48 -14.39
N ALA D 53 18.86 -18.29 -14.30
CA ALA D 53 19.95 -18.06 -13.37
C ALA D 53 19.49 -18.06 -11.91
N TYR D 54 18.25 -17.65 -11.68
CA TYR D 54 17.74 -17.47 -10.33
C TYR D 54 16.96 -18.68 -9.80
N ASP D 55 16.35 -19.43 -10.69
CA ASP D 55 15.53 -20.57 -10.29
C ASP D 55 16.10 -21.92 -10.70
N GLY D 56 17.01 -21.92 -11.68
CA GLY D 56 17.63 -23.15 -12.13
C GLY D 56 16.78 -23.95 -13.11
N LYS D 57 15.81 -23.28 -13.73
CA LYS D 57 14.85 -23.98 -14.58
C LYS D 57 15.34 -24.08 -16.01
N PHE D 58 15.20 -25.26 -16.60
CA PHE D 58 15.48 -25.46 -18.01
C PHE D 58 14.57 -24.57 -18.84
N GLU D 59 15.16 -23.86 -19.79
CA GLU D 59 14.44 -22.91 -20.63
C GLU D 59 14.27 -23.44 -22.04
N LYS D 60 15.36 -23.98 -22.59
CA LYS D 60 15.35 -24.55 -23.93
C LYS D 60 16.63 -25.28 -24.28
N THR D 61 16.56 -26.05 -25.35
CA THR D 61 17.70 -26.71 -25.95
C THR D 61 17.98 -26.07 -27.31
N ILE D 62 19.25 -25.92 -27.64
CA ILE D 62 19.66 -25.40 -28.93
C ILE D 62 20.50 -26.48 -29.62
N SER D 63 20.05 -26.96 -30.78
CA SER D 63 20.76 -28.04 -31.46
C SER D 63 20.98 -27.72 -32.92
N GLY D 64 21.90 -28.47 -33.54
CA GLY D 64 22.27 -28.23 -34.93
C GLY D 64 23.69 -28.66 -35.26
N HIS D 65 24.55 -28.59 -34.25
CA HIS D 65 25.93 -29.05 -34.39
C HIS D 65 25.96 -30.55 -34.66
N LYS D 66 27.00 -31.02 -35.34
CA LYS D 66 27.03 -32.40 -35.76
C LYS D 66 27.91 -33.26 -34.88
N LEU D 67 28.83 -32.63 -34.16
CA LEU D 67 29.58 -33.31 -33.10
C LEU D 67 29.46 -32.50 -31.81
N GLY D 68 30.21 -32.90 -30.80
CA GLY D 68 30.16 -32.24 -29.51
C GLY D 68 30.56 -30.77 -29.53
N ILE D 69 30.40 -30.11 -28.40
CA ILE D 69 30.65 -28.69 -28.29
C ILE D 69 31.52 -28.45 -27.06
N SER D 70 32.64 -27.76 -27.25
CA SER D 70 33.63 -27.58 -26.20
C SER D 70 33.52 -26.22 -25.51
N ASP D 71 32.81 -25.29 -26.15
CA ASP D 71 32.68 -23.96 -25.57
C ASP D 71 31.44 -23.22 -26.05
N VAL D 72 30.99 -22.28 -25.23
CA VAL D 72 29.86 -21.43 -25.61
C VAL D 72 30.03 -20.03 -24.98
N ALA D 73 29.66 -19.00 -25.72
CA ALA D 73 29.84 -17.64 -25.23
C ALA D 73 28.68 -16.72 -25.65
N TRP D 74 28.27 -15.83 -24.72
CA TRP D 74 27.21 -14.86 -24.98
C TRP D 74 27.71 -13.57 -25.64
N SER D 75 26.87 -12.94 -26.45
CA SER D 75 27.18 -11.59 -26.96
C SER D 75 26.81 -10.57 -25.88
N SER D 76 27.32 -9.34 -26.01
CA SER D 76 27.18 -8.33 -24.95
C SER D 76 25.75 -7.95 -24.57
N ASP D 77 24.83 -7.97 -25.54
CA ASP D 77 23.43 -7.67 -25.25
C ASP D 77 22.59 -8.94 -24.93
N SER D 78 23.26 -10.06 -24.69
CA SER D 78 22.56 -11.31 -24.34
C SER D 78 21.59 -11.82 -25.42
N ASN D 79 21.64 -11.25 -26.62
CA ASN D 79 20.80 -11.72 -27.73
C ASN D 79 21.36 -12.90 -28.47
N LEU D 80 22.68 -13.11 -28.41
CA LEU D 80 23.32 -14.13 -29.24
C LEU D 80 24.21 -15.10 -28.46
N LEU D 81 24.31 -16.31 -28.96
CA LEU D 81 25.32 -17.25 -28.50
C LEU D 81 26.23 -17.63 -29.67
N VAL D 82 27.46 -17.98 -29.34
CA VAL D 82 28.35 -18.59 -30.31
C VAL D 82 28.80 -19.87 -29.64
N SER D 83 28.99 -20.92 -30.42
CA SER D 83 29.41 -22.21 -29.89
C SER D 83 30.54 -22.79 -30.73
N ALA D 84 31.43 -23.54 -30.07
CA ALA D 84 32.62 -24.08 -30.74
C ALA D 84 32.62 -25.61 -30.76
N SER D 85 32.52 -26.20 -31.94
CA SER D 85 32.20 -27.62 -32.00
C SER D 85 33.29 -28.44 -32.68
N ASP D 86 33.28 -29.75 -32.45
CA ASP D 86 34.19 -30.64 -33.14
C ASP D 86 33.83 -30.80 -34.59
N ASP D 87 32.64 -30.37 -34.97
CA ASP D 87 32.27 -30.48 -36.38
C ASP D 87 33.06 -29.51 -37.26
N LYS D 88 34.08 -28.88 -36.69
CA LYS D 88 34.97 -27.96 -37.41
C LYS D 88 34.37 -26.56 -37.64
N THR D 89 33.25 -26.26 -37.01
CA THR D 89 32.63 -24.97 -37.21
C THR D 89 32.28 -24.27 -35.90
N LEU D 90 31.89 -23.01 -36.01
CA LEU D 90 31.24 -22.31 -34.92
C LEU D 90 29.84 -21.97 -35.39
N LYS D 91 28.92 -21.82 -34.45
CA LYS D 91 27.58 -21.39 -34.84
C LYS D 91 27.13 -20.13 -34.07
N ILE D 92 26.50 -19.21 -34.78
CA ILE D 92 25.91 -18.05 -34.11
C ILE D 92 24.42 -18.27 -33.95
N TRP D 93 23.95 -18.23 -32.71
CA TRP D 93 22.56 -18.55 -32.40
C TRP D 93 21.80 -17.35 -31.95
N ASP D 94 20.57 -17.23 -32.44
CA ASP D 94 19.61 -16.30 -31.86
C ASP D 94 19.08 -16.93 -30.59
N VAL D 95 19.44 -16.38 -29.44
CA VAL D 95 19.02 -16.96 -28.15
C VAL D 95 17.49 -17.04 -27.96
N SER D 96 16.73 -16.12 -28.54
CA SER D 96 15.29 -16.16 -28.36
C SER D 96 14.62 -17.15 -29.30
N SER D 97 14.91 -17.07 -30.59
CA SER D 97 14.27 -17.95 -31.55
C SER D 97 14.83 -19.36 -31.46
N GLY D 98 16.06 -19.49 -30.98
CA GLY D 98 16.72 -20.77 -30.91
C GLY D 98 17.39 -21.17 -32.22
N LYS D 99 17.21 -20.37 -33.27
CA LYS D 99 17.67 -20.73 -34.61
C LYS D 99 19.14 -20.35 -34.89
N CYS D 100 19.80 -21.09 -35.78
CA CYS D 100 21.18 -20.82 -36.16
C CYS D 100 21.21 -19.72 -37.20
N LEU D 101 21.85 -18.61 -36.87
CA LEU D 101 21.92 -17.48 -37.79
C LEU D 101 23.05 -17.65 -38.80
N LYS D 102 24.22 -18.01 -38.32
CA LYS D 102 25.38 -18.17 -39.17
C LYS D 102 26.13 -19.42 -38.77
N THR D 103 26.84 -19.97 -39.74
CA THR D 103 27.78 -21.06 -39.51
C THR D 103 29.14 -20.58 -39.98
N LEU D 104 30.08 -20.53 -39.05
CA LEU D 104 31.41 -20.03 -39.33
C LEU D 104 32.33 -21.17 -39.75
N LYS D 105 32.66 -21.23 -41.04
CA LYS D 105 33.48 -22.30 -41.59
C LYS D 105 34.85 -21.78 -42.01
N GLY D 106 35.89 -22.50 -41.60
CA GLY D 106 37.25 -22.20 -41.98
C GLY D 106 38.27 -23.07 -41.26
N HIS D 107 38.07 -23.31 -39.97
CA HIS D 107 39.00 -24.14 -39.20
C HIS D 107 39.15 -25.52 -39.86
N SER D 108 40.30 -26.15 -39.65
CA SER D 108 40.55 -27.44 -40.27
C SER D 108 40.56 -28.56 -39.23
N ASN D 109 39.98 -28.28 -38.07
CA ASN D 109 39.97 -29.26 -37.00
C ASN D 109 39.02 -28.81 -35.89
N TYR D 110 38.95 -29.55 -34.78
CA TYR D 110 37.97 -29.26 -33.74
C TYR D 110 38.07 -27.79 -33.39
N VAL D 111 36.93 -27.11 -33.26
CA VAL D 111 36.93 -25.80 -32.69
C VAL D 111 36.80 -25.94 -31.18
N PHE D 112 37.68 -25.29 -30.43
CA PHE D 112 37.82 -25.58 -29.00
C PHE D 112 37.32 -24.44 -28.10
N CYS D 113 37.56 -23.19 -28.49
CA CYS D 113 37.20 -22.07 -27.63
C CYS D 113 36.67 -20.91 -28.45
N CYS D 114 35.93 -20.00 -27.81
CA CYS D 114 35.30 -18.91 -28.54
C CYS D 114 34.83 -17.78 -27.62
N ASN D 115 34.68 -16.59 -28.20
CA ASN D 115 34.24 -15.39 -27.48
C ASN D 115 33.88 -14.23 -28.41
N PHE D 116 32.93 -13.40 -27.98
CA PHE D 116 32.67 -12.14 -28.68
C PHE D 116 33.63 -11.11 -28.13
N ASN D 117 33.93 -10.08 -28.92
CA ASN D 117 34.54 -8.88 -28.37
C ASN D 117 33.45 -8.09 -27.62
N PRO D 118 33.84 -7.16 -26.71
CA PRO D 118 32.82 -6.40 -25.99
C PRO D 118 31.78 -5.75 -26.92
N GLN D 119 32.25 -5.19 -28.03
CA GLN D 119 31.35 -4.60 -29.02
C GLN D 119 30.43 -5.67 -29.60
N SER D 120 30.94 -6.90 -29.64
CA SER D 120 30.18 -8.08 -30.06
C SER D 120 29.80 -8.03 -31.55
N ASN D 121 30.73 -7.51 -32.34
CA ASN D 121 30.60 -7.58 -33.78
C ASN D 121 31.71 -8.45 -34.33
N LEU D 122 32.64 -8.85 -33.46
CA LEU D 122 33.64 -9.84 -33.81
C LEU D 122 33.56 -11.05 -32.90
N ILE D 123 33.89 -12.22 -33.45
CA ILE D 123 34.10 -13.43 -32.66
C ILE D 123 35.55 -13.88 -32.77
N VAL D 124 36.14 -14.29 -31.65
CA VAL D 124 37.44 -14.95 -31.68
C VAL D 124 37.28 -16.46 -31.41
N SER D 125 38.02 -17.28 -32.16
CA SER D 125 37.98 -18.74 -31.97
C SER D 125 39.36 -19.34 -31.89
N GLY D 126 39.47 -20.47 -31.21
CA GLY D 126 40.71 -21.20 -31.08
C GLY D 126 40.48 -22.64 -31.45
N SER D 127 41.45 -23.24 -32.15
CA SER D 127 41.24 -24.55 -32.76
C SER D 127 42.38 -25.53 -32.51
N PHE D 128 42.17 -26.78 -32.87
CA PHE D 128 43.21 -27.80 -32.76
C PHE D 128 44.07 -27.79 -34.02
N ASP D 129 43.64 -27.02 -35.00
CA ASP D 129 44.48 -26.65 -36.14
C ASP D 129 45.44 -25.50 -35.78
N GLU D 130 45.47 -25.13 -34.50
CA GLU D 130 46.47 -24.22 -33.93
C GLU D 130 46.32 -22.77 -34.32
N SER D 131 45.26 -22.47 -35.07
CA SER D 131 45.01 -21.09 -35.44
C SER D 131 44.09 -20.42 -34.43
N VAL D 132 44.20 -19.10 -34.35
CA VAL D 132 43.17 -18.26 -33.79
C VAL D 132 42.51 -17.53 -34.94
N ARG D 133 41.19 -17.63 -35.06
CA ARG D 133 40.46 -16.93 -36.11
C ARG D 133 39.55 -15.83 -35.58
N ILE D 134 39.41 -14.79 -36.38
CA ILE D 134 38.58 -13.66 -36.03
C ILE D 134 37.48 -13.48 -37.08
N TRP D 135 36.24 -13.65 -36.65
CA TRP D 135 35.11 -13.67 -37.56
C TRP D 135 34.23 -12.43 -37.45
N ASP D 136 33.72 -11.96 -38.59
CA ASP D 136 32.77 -10.89 -38.59
C ASP D 136 31.37 -11.42 -38.29
N VAL D 137 30.80 -11.02 -37.16
CA VAL D 137 29.52 -11.50 -36.68
C VAL D 137 28.37 -11.33 -37.68
N LYS D 138 28.31 -10.17 -38.33
CA LYS D 138 27.18 -9.86 -39.20
C LYS D 138 27.19 -10.55 -40.55
N THR D 139 28.39 -10.72 -41.13
CA THR D 139 28.49 -11.39 -42.43
C THR D 139 28.86 -12.85 -42.29
N GLY D 140 29.60 -13.17 -41.23
CA GLY D 140 30.05 -14.53 -40.97
C GLY D 140 31.37 -14.91 -41.62
N LYS D 141 32.11 -13.93 -42.13
CA LYS D 141 33.34 -14.19 -42.83
C LYS D 141 34.52 -14.21 -41.89
N CYS D 142 35.52 -15.01 -42.23
CA CYS D 142 36.78 -15.02 -41.49
C CYS D 142 37.63 -13.85 -41.98
N LEU D 143 37.86 -12.89 -41.09
CA LEU D 143 38.59 -11.69 -41.44
C LEU D 143 40.08 -11.97 -41.35
N LYS D 144 40.49 -12.62 -40.27
CA LYS D 144 41.88 -12.95 -40.06
C LYS D 144 42.06 -14.39 -39.59
N THR D 145 43.14 -15.03 -40.06
CA THR D 145 43.61 -16.28 -39.50
C THR D 145 45.03 -16.06 -38.99
N LEU D 146 45.25 -16.37 -37.73
CA LEU D 146 46.57 -16.28 -37.12
C LEU D 146 47.14 -17.68 -36.88
N PRO D 147 48.32 -17.95 -37.44
CA PRO D 147 49.02 -19.18 -37.08
C PRO D 147 49.60 -18.99 -35.68
N ALA D 148 48.75 -19.07 -34.67
CA ALA D 148 49.08 -18.54 -33.35
C ALA D 148 50.01 -19.43 -32.54
N HIS D 149 49.81 -20.74 -32.64
CA HIS D 149 50.60 -21.65 -31.80
C HIS D 149 51.15 -22.87 -32.53
N SER D 150 52.01 -23.61 -31.84
CA SER D 150 52.60 -24.82 -32.38
C SER D 150 51.96 -25.99 -31.65
N ASP D 151 50.79 -25.74 -31.08
CA ASP D 151 50.00 -26.76 -30.40
C ASP D 151 48.56 -26.29 -30.38
N PRO D 152 47.63 -27.22 -30.12
CA PRO D 152 46.23 -26.79 -30.15
C PRO D 152 45.99 -25.55 -29.28
N VAL D 153 45.06 -24.69 -29.72
CA VAL D 153 44.74 -23.49 -28.97
C VAL D 153 43.69 -23.84 -27.93
N SER D 154 43.99 -23.58 -26.65
CA SER D 154 43.08 -23.96 -25.58
C SER D 154 42.17 -22.85 -25.00
N ALA D 155 42.46 -21.59 -25.33
CA ALA D 155 41.63 -20.48 -24.89
C ALA D 155 41.91 -19.21 -25.71
N VAL D 156 40.85 -18.47 -26.02
CA VAL D 156 40.99 -17.14 -26.60
C VAL D 156 40.11 -16.18 -25.81
N HIS D 157 40.51 -14.92 -25.72
CA HIS D 157 39.69 -13.92 -25.03
C HIS D 157 40.02 -12.50 -25.47
N PHE D 158 38.99 -11.66 -25.61
CA PHE D 158 39.21 -10.23 -25.88
C PHE D 158 39.45 -9.46 -24.57
N ASN D 159 39.98 -8.25 -24.67
CA ASN D 159 40.13 -7.42 -23.47
C ASN D 159 39.01 -6.35 -23.37
N ARG D 160 38.98 -5.60 -22.28
CA ARG D 160 37.88 -4.66 -21.99
C ARG D 160 37.41 -3.81 -23.18
N ASP D 161 38.32 -3.46 -24.08
CA ASP D 161 37.97 -2.58 -25.18
C ASP D 161 37.99 -3.25 -26.55
N GLY D 162 38.37 -4.53 -26.59
CA GLY D 162 38.36 -5.30 -27.82
C GLY D 162 39.57 -5.13 -28.70
N SER D 163 40.59 -4.46 -28.19
CA SER D 163 41.76 -4.15 -29.02
C SER D 163 42.78 -5.28 -28.95
N LEU D 164 42.70 -6.04 -27.87
CA LEU D 164 43.63 -7.13 -27.59
C LEU D 164 42.93 -8.48 -27.52
N ILE D 165 43.65 -9.52 -27.92
CA ILE D 165 43.21 -10.89 -27.78
C ILE D 165 44.32 -11.65 -27.10
N VAL D 166 44.01 -12.37 -26.04
CA VAL D 166 45.02 -13.23 -25.45
C VAL D 166 44.67 -14.63 -25.87
N SER D 167 45.69 -15.47 -26.08
CA SER D 167 45.47 -16.88 -26.41
C SER D 167 46.51 -17.76 -25.74
N SER D 168 46.15 -19.01 -25.50
CA SER D 168 47.06 -19.94 -24.85
C SER D 168 47.08 -21.31 -25.53
N SER D 169 48.01 -22.16 -25.12
CA SER D 169 48.22 -23.39 -25.85
C SER D 169 48.99 -24.43 -25.07
N TYR D 170 48.87 -25.67 -25.51
CA TYR D 170 49.65 -26.74 -24.92
C TYR D 170 51.16 -26.51 -25.15
N ASP D 171 51.50 -25.64 -26.11
CA ASP D 171 52.92 -25.31 -26.37
C ASP D 171 53.57 -24.55 -25.21
N GLY D 172 52.76 -24.11 -24.25
CA GLY D 172 53.25 -23.50 -23.02
C GLY D 172 53.31 -21.97 -23.00
N LEU D 173 52.84 -21.33 -24.06
CA LEU D 173 52.95 -19.87 -24.17
C LEU D 173 51.59 -19.25 -24.15
N CYS D 174 51.52 -18.03 -23.62
CA CYS D 174 50.37 -17.15 -23.83
C CYS D 174 50.80 -16.05 -24.78
N ARG D 175 49.94 -15.67 -25.71
CA ARG D 175 50.29 -14.68 -26.71
C ARG D 175 49.22 -13.60 -26.82
N ILE D 176 49.65 -12.34 -26.79
CA ILE D 176 48.71 -11.21 -26.87
C ILE D 176 48.75 -10.64 -28.26
N TRP D 177 47.58 -10.40 -28.84
CA TRP D 177 47.49 -10.04 -30.24
C TRP D 177 46.81 -8.72 -30.41
N ASP D 178 47.12 -8.07 -31.52
CA ASP D 178 46.44 -6.84 -31.88
C ASP D 178 45.28 -7.20 -32.79
N THR D 179 44.08 -7.06 -32.25
CA THR D 179 42.85 -7.37 -32.98
C THR D 179 42.82 -6.84 -34.43
N ALA D 180 43.31 -5.63 -34.62
CA ALA D 180 43.15 -4.94 -35.90
C ALA D 180 44.20 -5.31 -36.94
N SER D 181 45.46 -5.41 -36.50
CA SER D 181 46.56 -5.72 -37.39
C SER D 181 46.79 -7.24 -37.54
N GLY D 182 46.65 -7.97 -36.44
CA GLY D 182 46.97 -9.38 -36.43
C GLY D 182 48.34 -9.64 -35.86
N GLN D 183 49.07 -8.56 -35.57
CA GLN D 183 50.44 -8.64 -35.09
C GLN D 183 50.49 -9.20 -33.69
N CYS D 184 51.55 -9.93 -33.38
CA CYS D 184 51.69 -10.44 -32.04
C CYS D 184 52.43 -9.43 -31.17
N LEU D 185 51.82 -9.04 -30.06
CA LEU D 185 52.35 -7.95 -29.22
C LEU D 185 53.24 -8.41 -28.08
N LYS D 186 52.83 -9.46 -27.39
CA LYS D 186 53.64 -9.96 -26.30
C LYS D 186 53.41 -11.44 -26.08
N THR D 187 54.40 -12.09 -25.47
CA THR D 187 54.42 -13.52 -25.27
C THR D 187 54.86 -13.77 -23.83
N LEU D 188 54.10 -14.54 -23.07
CA LEU D 188 54.49 -14.78 -21.68
C LEU D 188 55.15 -16.14 -21.54
N ILE D 189 56.30 -16.19 -20.89
CA ILE D 189 57.00 -17.44 -20.75
C ILE D 189 57.31 -17.76 -19.28
N PRO D 194 55.10 -25.05 -18.76
CA PRO D 194 54.14 -26.16 -18.85
C PRO D 194 52.90 -25.78 -19.66
N PRO D 195 52.13 -26.77 -20.12
CA PRO D 195 50.98 -26.46 -20.99
C PRO D 195 49.99 -25.51 -20.32
N VAL D 196 49.54 -24.51 -21.08
CA VAL D 196 48.55 -23.56 -20.60
C VAL D 196 47.17 -23.99 -21.06
N SER D 197 46.33 -24.37 -20.11
CA SER D 197 45.00 -24.91 -20.39
C SER D 197 43.90 -23.88 -20.39
N PHE D 198 44.23 -22.64 -20.05
CA PHE D 198 43.24 -21.57 -20.01
C PHE D 198 43.89 -20.21 -19.73
N VAL D 199 43.42 -19.17 -20.42
CA VAL D 199 43.77 -17.79 -20.07
C VAL D 199 42.59 -16.88 -20.28
N LYS D 200 42.55 -15.79 -19.53
CA LYS D 200 41.61 -14.70 -19.80
C LYS D 200 42.14 -13.43 -19.18
N PHE D 201 41.61 -12.28 -19.60
CA PHE D 201 42.02 -11.02 -19.02
C PHE D 201 41.26 -10.80 -17.73
N SER D 202 41.87 -10.07 -16.82
CA SER D 202 41.14 -9.56 -15.67
C SER D 202 40.17 -8.50 -16.18
N PRO D 203 39.14 -8.15 -15.38
CA PRO D 203 38.06 -7.26 -15.86
C PRO D 203 38.56 -5.85 -16.22
N ASN D 204 39.53 -5.35 -15.46
CA ASN D 204 40.23 -4.12 -15.80
C ASN D 204 41.21 -4.27 -16.98
N GLY D 205 41.50 -5.51 -17.39
CA GLY D 205 42.34 -5.76 -18.56
C GLY D 205 43.83 -5.53 -18.40
N LYS D 206 44.29 -5.50 -17.15
CA LYS D 206 45.67 -5.17 -16.83
C LYS D 206 46.51 -6.42 -16.59
N TYR D 207 45.83 -7.46 -16.09
CA TYR D 207 46.45 -8.74 -15.81
C TYR D 207 45.79 -9.80 -16.66
N ILE D 208 46.45 -10.94 -16.80
CA ILE D 208 45.81 -12.09 -17.40
C ILE D 208 45.96 -13.25 -16.44
N LEU D 209 44.94 -14.10 -16.41
CA LEU D 209 44.92 -15.27 -15.53
C LEU D 209 45.17 -16.49 -16.38
N ALA D 210 46.14 -17.30 -15.98
CA ALA D 210 46.53 -18.46 -16.77
C ALA D 210 46.58 -19.74 -15.93
N ALA D 211 45.95 -20.80 -16.45
CA ALA D 211 45.97 -22.12 -15.82
C ALA D 211 46.93 -23.04 -16.55
N THR D 212 47.73 -23.80 -15.80
CA THR D 212 48.65 -24.75 -16.43
C THR D 212 48.44 -26.18 -15.92
N LEU D 213 48.86 -27.16 -16.71
CA LEU D 213 48.63 -28.55 -16.33
C LEU D 213 49.65 -29.04 -15.31
N ASP D 214 50.18 -28.10 -14.52
CA ASP D 214 50.99 -28.46 -13.35
C ASP D 214 50.29 -27.99 -12.07
N ASN D 215 48.95 -28.07 -12.07
CA ASN D 215 48.16 -27.76 -10.89
C ASN D 215 48.42 -26.35 -10.38
N THR D 216 48.30 -25.36 -11.24
CA THR D 216 48.71 -24.01 -10.89
C THR D 216 48.00 -22.92 -11.71
N LEU D 217 47.40 -21.96 -11.02
CA LEU D 217 46.93 -20.74 -11.67
C LEU D 217 47.92 -19.60 -11.41
N LYS D 218 48.32 -18.90 -12.45
CA LYS D 218 49.22 -17.77 -12.29
C LYS D 218 48.48 -16.50 -12.67
N LEU D 219 48.77 -15.42 -11.97
CA LEU D 219 48.24 -14.11 -12.35
C LEU D 219 49.37 -13.27 -12.88
N TRP D 220 49.24 -12.80 -14.11
CA TRP D 220 50.32 -12.10 -14.78
C TRP D 220 50.08 -10.61 -14.94
N ASP D 221 51.05 -9.79 -14.59
CA ASP D 221 51.00 -8.40 -15.04
C ASP D 221 51.31 -8.38 -16.53
N TYR D 222 50.27 -8.08 -17.31
CA TYR D 222 50.35 -8.18 -18.75
C TYR D 222 51.45 -7.30 -19.36
N SER D 223 51.44 -6.01 -19.03
CA SER D 223 52.43 -5.09 -19.61
C SER D 223 53.88 -5.30 -19.11
N LYS D 224 54.08 -5.39 -17.80
CA LYS D 224 55.42 -5.66 -17.26
C LYS D 224 55.86 -7.09 -17.54
N GLY D 225 55.05 -7.84 -18.28
CA GLY D 225 55.31 -9.25 -18.54
C GLY D 225 55.83 -10.11 -17.39
N LYS D 226 55.40 -9.86 -16.16
CA LYS D 226 55.86 -10.70 -15.04
C LYS D 226 54.74 -11.28 -14.20
N CYS D 227 55.06 -12.34 -13.45
CA CYS D 227 54.07 -13.10 -12.68
C CYS D 227 53.94 -12.58 -11.26
N LEU D 228 52.72 -12.17 -10.89
CA LEU D 228 52.46 -11.47 -9.62
C LEU D 228 51.99 -12.37 -8.48
N LYS D 229 51.31 -13.46 -8.83
CA LYS D 229 50.70 -14.31 -7.83
C LYS D 229 50.45 -15.68 -8.42
N THR D 230 50.59 -16.70 -7.58
CA THR D 230 50.29 -18.06 -8.03
C THR D 230 49.37 -18.81 -7.05
N TYR D 231 48.35 -19.46 -7.59
CA TYR D 231 47.37 -20.16 -6.79
C TYR D 231 47.44 -21.66 -7.04
N THR D 232 47.50 -22.42 -5.97
CA THR D 232 47.64 -23.87 -6.05
C THR D 232 46.73 -24.51 -5.03
N GLY D 233 46.74 -25.84 -5.03
CA GLY D 233 45.95 -26.59 -4.06
C GLY D 233 44.88 -27.44 -4.72
N HIS D 234 44.54 -27.12 -5.97
CA HIS D 234 43.60 -27.94 -6.72
C HIS D 234 44.34 -28.99 -7.55
N LYS D 235 43.58 -29.85 -8.21
CA LYS D 235 44.15 -30.85 -9.11
C LYS D 235 43.83 -30.48 -10.55
N ASN D 236 44.84 -30.36 -11.39
CA ASN D 236 44.62 -30.00 -12.78
C ASN D 236 45.82 -30.40 -13.65
N GLU D 237 45.69 -31.52 -14.35
CA GLU D 237 46.79 -32.10 -15.09
C GLU D 237 46.37 -32.61 -16.46
N LYS D 238 45.08 -32.58 -16.75
CA LYS D 238 44.55 -33.18 -17.96
C LYS D 238 43.66 -32.24 -18.73
N TYR D 239 42.69 -31.66 -18.03
CA TYR D 239 41.60 -30.96 -18.70
C TYR D 239 41.81 -29.45 -18.77
N CYS D 240 41.28 -28.86 -19.84
CA CYS D 240 41.25 -27.42 -19.95
C CYS D 240 40.08 -26.89 -19.13
N ILE D 241 40.40 -26.57 -17.89
CA ILE D 241 39.42 -26.13 -16.91
C ILE D 241 39.28 -24.60 -16.90
N PHE D 242 38.05 -24.11 -16.83
CA PHE D 242 37.79 -22.67 -16.78
C PHE D 242 38.11 -22.09 -15.41
N ALA D 243 38.74 -20.91 -15.41
CA ALA D 243 39.00 -20.15 -14.18
C ALA D 243 38.31 -18.80 -14.21
N ASN D 244 38.06 -18.23 -13.04
CA ASN D 244 37.24 -17.02 -12.95
C ASN D 244 37.73 -16.00 -11.95
N PHE D 245 37.55 -14.74 -12.32
CA PHE D 245 37.60 -13.62 -11.39
C PHE D 245 36.21 -13.42 -10.79
N SER D 246 36.09 -13.53 -9.47
CA SER D 246 34.84 -13.17 -8.80
C SER D 246 34.97 -11.75 -8.27
N VAL D 247 34.12 -10.86 -8.75
CA VAL D 247 34.19 -9.46 -8.36
C VAL D 247 32.97 -8.88 -7.64
N THR D 248 31.84 -9.60 -7.61
CA THR D 248 30.59 -9.08 -7.05
C THR D 248 30.60 -8.83 -5.52
N GLY D 249 31.33 -9.67 -4.79
CA GLY D 249 31.45 -9.53 -3.36
C GLY D 249 32.91 -9.38 -3.01
N GLY D 250 33.45 -10.32 -2.23
CA GLY D 250 34.89 -10.36 -2.04
C GLY D 250 35.57 -10.61 -3.38
N LYS D 251 36.84 -10.23 -3.50
CA LYS D 251 37.58 -10.47 -4.75
C LYS D 251 38.29 -11.84 -4.73
N TRP D 252 37.79 -12.79 -5.50
CA TRP D 252 38.30 -14.17 -5.45
C TRP D 252 38.83 -14.64 -6.78
N ILE D 253 39.59 -15.73 -6.76
CA ILE D 253 39.80 -16.52 -7.95
C ILE D 253 38.96 -17.78 -7.78
N VAL D 254 38.24 -18.15 -8.82
CA VAL D 254 37.40 -19.34 -8.77
C VAL D 254 37.86 -20.32 -9.86
N SER D 255 37.70 -21.62 -9.62
CA SER D 255 38.13 -22.60 -10.61
C SER D 255 37.62 -24.00 -10.36
N GLY D 256 37.35 -24.74 -11.43
CA GLY D 256 37.04 -26.15 -11.30
C GLY D 256 38.28 -26.93 -10.93
N SER D 257 38.12 -28.19 -10.57
CA SER D 257 39.25 -29.01 -10.17
C SER D 257 39.00 -30.46 -10.54
N GLU D 258 40.09 -31.20 -10.72
CA GLU D 258 40.01 -32.61 -11.17
C GLU D 258 39.78 -33.58 -10.02
N ASP D 259 39.70 -33.04 -8.81
CA ASP D 259 39.31 -33.82 -7.66
C ASP D 259 37.84 -33.58 -7.28
N ASN D 260 37.07 -33.00 -8.22
CA ASN D 260 35.62 -32.79 -8.09
C ASN D 260 35.15 -31.60 -7.26
N LEU D 261 36.07 -30.74 -6.85
CA LEU D 261 35.70 -29.61 -6.02
C LEU D 261 35.77 -28.30 -6.82
N VAL D 262 35.01 -27.29 -6.36
CA VAL D 262 35.21 -25.94 -6.86
C VAL D 262 36.13 -25.22 -5.88
N TYR D 263 37.20 -24.62 -6.40
CA TYR D 263 38.16 -23.93 -5.54
C TYR D 263 37.99 -22.42 -5.59
N ILE D 264 37.95 -21.79 -4.42
CA ILE D 264 37.91 -20.34 -4.33
C ILE D 264 39.13 -19.83 -3.56
N TRP D 265 39.91 -18.96 -4.20
CA TRP D 265 41.08 -18.36 -3.57
C TRP D 265 40.86 -16.90 -3.30
N ASN D 266 41.52 -16.40 -2.26
CA ASN D 266 41.63 -14.97 -2.04
C ASN D 266 42.64 -14.43 -3.04
N LEU D 267 42.21 -13.54 -3.93
CA LEU D 267 43.07 -13.04 -4.99
C LEU D 267 44.36 -12.39 -4.48
N GLN D 268 44.28 -11.69 -3.37
CA GLN D 268 45.47 -11.00 -2.86
C GLN D 268 46.42 -11.90 -2.05
N THR D 269 45.87 -12.76 -1.20
CA THR D 269 46.68 -13.56 -0.29
C THR D 269 47.02 -14.94 -0.83
N LYS D 270 46.36 -15.34 -1.92
CA LYS D 270 46.58 -16.64 -2.56
C LYS D 270 46.08 -17.83 -1.74
N GLU D 271 45.50 -17.54 -0.59
CA GLU D 271 44.94 -18.61 0.25
C GLU D 271 43.58 -19.10 -0.25
N ILE D 272 43.36 -20.40 -0.10
CA ILE D 272 42.08 -20.99 -0.44
C ILE D 272 41.13 -20.55 0.65
N VAL D 273 39.99 -20.02 0.25
CA VAL D 273 39.01 -19.56 1.23
C VAL D 273 37.80 -20.47 1.27
N GLN D 274 37.57 -21.24 0.22
CA GLN D 274 36.47 -22.20 0.25
C GLN D 274 36.57 -23.24 -0.87
N LYS D 275 36.14 -24.45 -0.55
CA LYS D 275 36.06 -25.53 -1.51
C LYS D 275 34.63 -26.09 -1.54
N LEU D 276 34.01 -26.08 -2.72
CA LEU D 276 32.61 -26.50 -2.83
C LEU D 276 32.48 -27.99 -3.13
N GLN D 277 31.92 -28.72 -2.18
CA GLN D 277 31.78 -30.16 -2.35
C GLN D 277 30.38 -30.50 -2.87
N GLY D 278 30.29 -31.51 -3.72
CA GLY D 278 28.98 -31.90 -4.20
C GLY D 278 28.99 -32.59 -5.54
N HIS D 279 29.94 -32.20 -6.38
CA HIS D 279 30.04 -32.83 -7.69
C HIS D 279 30.65 -34.22 -7.58
N THR D 280 30.23 -35.10 -8.47
CA THR D 280 30.76 -36.47 -8.48
C THR D 280 31.64 -36.75 -9.69
N ASP D 281 32.29 -35.71 -10.19
CA ASP D 281 33.26 -35.85 -11.26
C ASP D 281 34.00 -34.53 -11.44
N VAL D 282 35.06 -34.56 -12.23
CA VAL D 282 35.86 -33.39 -12.52
C VAL D 282 34.99 -32.17 -12.82
N VAL D 283 35.28 -31.05 -12.16
CA VAL D 283 34.59 -29.80 -12.46
C VAL D 283 35.35 -29.12 -13.59
N ILE D 284 34.79 -29.16 -14.79
CA ILE D 284 35.45 -28.62 -15.98
C ILE D 284 35.22 -27.11 -16.15
N SER D 285 34.15 -26.60 -15.57
CA SER D 285 33.73 -25.23 -15.87
C SER D 285 33.07 -24.57 -14.69
N THR D 286 33.50 -23.34 -14.39
CA THR D 286 32.81 -22.51 -13.42
C THR D 286 32.58 -21.16 -14.07
N ALA D 287 31.59 -20.43 -13.57
CA ALA D 287 31.27 -19.11 -14.07
C ALA D 287 30.71 -18.24 -12.92
N CYS D 288 31.01 -16.94 -12.94
CA CYS D 288 30.51 -16.03 -11.92
C CYS D 288 29.42 -15.11 -12.44
N HIS D 289 28.34 -14.97 -11.67
CA HIS D 289 27.22 -14.12 -12.06
C HIS D 289 27.65 -12.66 -12.19
N PRO D 290 27.08 -11.93 -13.16
CA PRO D 290 27.34 -10.50 -13.39
C PRO D 290 27.13 -9.60 -12.14
N THR D 291 26.10 -9.85 -11.36
CA THR D 291 25.78 -8.92 -10.27
C THR D 291 25.64 -9.56 -8.89
N GLU D 292 25.23 -10.83 -8.87
CA GLU D 292 25.00 -11.50 -7.60
C GLU D 292 26.18 -12.38 -7.28
N ASN D 293 26.36 -12.66 -6.00
CA ASN D 293 27.34 -13.64 -5.57
C ASN D 293 26.86 -15.05 -5.90
N ILE D 294 27.01 -15.44 -7.17
CA ILE D 294 26.57 -16.75 -7.61
C ILE D 294 27.59 -17.42 -8.52
N ILE D 295 27.88 -18.68 -8.22
CA ILE D 295 28.77 -19.49 -9.04
C ILE D 295 28.03 -20.65 -9.66
N ALA D 296 28.16 -20.84 -10.96
CA ALA D 296 27.66 -22.05 -11.58
C ALA D 296 28.84 -22.97 -11.92
N SER D 297 28.73 -24.25 -11.59
CA SER D 297 29.78 -25.20 -11.92
C SER D 297 29.18 -26.38 -12.69
N ALA D 298 30.00 -26.99 -13.54
CA ALA D 298 29.60 -28.11 -14.40
C ALA D 298 30.63 -29.23 -14.31
N ALA D 299 30.17 -30.47 -14.44
CA ALA D 299 31.04 -31.61 -14.20
C ALA D 299 30.94 -32.55 -15.36
N LEU D 300 31.76 -33.60 -15.34
CA LEU D 300 31.90 -34.52 -16.46
C LEU D 300 30.96 -35.74 -16.45
N GLU D 301 31.34 -36.72 -17.26
CA GLU D 301 30.49 -37.86 -17.61
C GLU D 301 29.76 -38.55 -16.45
N ASN D 302 30.39 -38.58 -15.28
CA ASN D 302 29.81 -39.27 -14.13
C ASN D 302 28.88 -38.38 -13.34
N ASP D 303 28.77 -37.13 -13.77
CA ASP D 303 27.97 -36.17 -13.06
C ASP D 303 26.89 -35.67 -14.02
N LYS D 304 27.31 -34.91 -15.03
CA LYS D 304 26.42 -34.40 -16.07
C LYS D 304 25.47 -33.28 -15.63
N THR D 305 25.75 -32.68 -14.47
CA THR D 305 24.89 -31.61 -13.97
C THR D 305 25.62 -30.29 -13.78
N ILE D 306 24.87 -29.21 -13.86
CA ILE D 306 25.36 -27.90 -13.47
C ILE D 306 24.82 -27.59 -12.07
N LYS D 307 25.65 -27.02 -11.20
CA LYS D 307 25.20 -26.60 -9.89
C LYS D 307 25.28 -25.09 -9.69
N LEU D 308 24.29 -24.53 -9.00
CA LEU D 308 24.26 -23.09 -8.69
C LEU D 308 24.44 -22.86 -7.20
N TRP D 309 25.45 -22.08 -6.83
CA TRP D 309 25.77 -21.84 -5.43
C TRP D 309 25.67 -20.34 -5.17
N LYS D 310 25.19 -19.96 -3.99
CA LYS D 310 25.11 -18.55 -3.65
C LYS D 310 25.80 -18.23 -2.33
N SER D 311 26.42 -17.07 -2.27
CA SER D 311 27.13 -16.61 -1.09
C SER D 311 26.63 -15.23 -0.59
N ASP D 312 26.96 -14.90 0.66
CA ASP D 312 26.68 -13.55 1.20
C ASP D 312 27.76 -12.54 0.78
N CYS D 313 28.93 -13.01 0.37
CA CYS D 313 30.04 -12.14 0.02
C CYS D 313 31.01 -12.81 -0.96
CM ALQ E 1 -30.50 30.65 30.15
CA ALQ E 1 -30.80 31.85 30.98
CB ALQ E 1 -31.68 32.86 30.27
C ALQ E 1 -31.34 31.46 32.38
O ALQ E 1 -30.30 31.46 33.23
CA 0XL E 2 -33.26 30.65 33.70
C 0XL E 2 -32.21 29.83 34.52
CAZ 0XL E 2 -33.58 31.82 34.56
N 0XL E 2 -32.71 31.20 32.42
O 0XL E 2 -31.99 30.40 35.73
CBA 0XL E 2 -34.46 29.81 33.39
CBD 0XL E 2 -35.25 29.66 34.67
CBE 0XL E 2 -34.45 32.88 33.91
N ARG E 3 -31.78 28.71 33.83
CA ARG E 3 -30.84 27.74 34.49
C ARG E 3 -29.52 28.35 35.02
N AC5 E 4 -29.09 29.40 34.23
O AC5 E 4 -26.68 31.51 36.19
CA AC5 E 4 -27.85 30.18 34.58
C AC5 E 4 -27.90 31.01 35.92
CB1 AC5 E 4 -26.72 29.22 34.64
CB2 AC5 E 4 -27.58 31.03 33.43
CG1 AC5 E 4 -26.42 28.96 33.18
CG2 AC5 E 4 -27.17 30.00 32.38
NAV 0XN E 5 -29.14 31.06 36.58
CBF 0XN E 5 -29.19 31.96 37.75
CBG 0XN E 5 -29.93 33.18 37.25
CBH 0XN E 5 -29.76 31.32 39.02
CBI 0XN E 5 -28.86 30.90 40.02
CBJ 0XN E 5 -29.30 30.30 41.21
CBK 0XN E 5 -30.67 30.10 41.38
CBL 0XN E 5 -31.59 30.49 40.38
CBM 0XN E 5 -31.13 31.10 39.19
CBN 0XN E 5 -29.63 34.49 37.59
CBO 0XN E 5 -30.39 35.53 37.02
CBP 0XN E 5 -31.41 35.24 36.10
CBQ 0XN E 5 -31.67 33.93 35.75
CBR 0XN E 5 -30.93 32.90 36.32
F01 0XN E 5 -31.09 29.52 42.51
F02 0XN E 5 -32.16 36.18 35.54
CM ALQ F 1 9.22 24.57 -1.92
CA ALQ F 1 10.10 24.18 -3.08
CB ALQ F 1 11.54 23.93 -2.67
C ALQ F 1 9.50 23.14 -4.06
O ALQ F 1 9.00 23.81 -5.12
CA 0XL F 2 9.15 20.79 -4.68
C 0XL F 2 7.92 21.32 -5.47
CAZ 0XL F 2 10.24 20.65 -5.69
N 0XL F 2 9.59 21.80 -3.66
O 0XL F 2 8.15 21.27 -6.80
CBA 0XL F 2 8.88 19.44 -4.06
CBD 0XL F 2 8.41 18.49 -5.12
CBE 0XL F 2 11.42 19.86 -5.21
N ARG F 3 6.90 21.71 -4.61
CA ARG F 3 5.58 22.18 -5.18
C ARG F 3 5.68 23.28 -6.27
N AC5 F 4 6.73 24.19 -6.04
O AC5 F 4 7.50 26.67 -8.73
CA AC5 F 4 6.79 25.54 -6.76
C AC5 F 4 7.44 25.45 -8.17
CB1 AC5 F 4 5.43 26.10 -6.90
CB2 AC5 F 4 7.53 26.44 -5.89
CG1 AC5 F 4 5.22 26.82 -5.60
CG2 AC5 F 4 6.50 26.73 -4.83
NAV 0XN F 5 7.78 24.15 -8.54
CBF 0XN F 5 8.44 24.02 -9.86
CBG 0XN F 5 9.87 23.64 -9.50
CBH 0XN F 5 7.64 23.06 -10.74
CBI 0XN F 5 7.22 23.51 -12.01
CBJ 0XN F 5 6.46 22.66 -12.84
CBK 0XN F 5 6.13 21.39 -12.37
CBL 0XN F 5 6.55 20.94 -11.12
CBM 0XN F 5 7.30 21.78 -10.29
CBN 0XN F 5 10.08 22.91 -8.34
CBO 0XN F 5 11.37 22.57 -7.95
CBP 0XN F 5 12.45 22.98 -8.72
CBQ 0XN F 5 12.24 23.74 -9.86
CBR 0XN F 5 10.95 24.08 -10.26
F01 0XN F 5 5.42 20.58 -13.16
F02 0XN F 5 13.67 22.64 -8.33
CM ALQ G 1 -11.08 -23.11 -1.47
CA ALQ G 1 -12.52 -22.85 -1.19
CB ALQ G 1 -12.85 -23.02 0.28
C ALQ G 1 -13.01 -21.49 -1.72
O ALQ G 1 -13.73 -21.74 -2.82
CA 0XL G 2 -12.86 -19.02 -1.49
C 0XL G 2 -13.00 -19.05 -3.06
CAZ 0XL G 2 -14.17 -18.58 -0.95
N 0XL G 2 -12.59 -20.41 -0.95
O 0XL G 2 -14.25 -18.77 -3.44
CBA 0XL G 2 -11.76 -18.10 -1.04
CBD 0XL G 2 -12.15 -16.67 -1.26
CBE 0XL G 2 -14.21 -18.36 0.55
N ARG G 3 -11.80 -19.34 -3.69
CA ARG G 3 -11.78 -19.39 -5.20
C ARG G 3 -13.01 -20.08 -5.85
N AC5 G 4 -13.37 -21.27 -5.21
O AC5 G 4 -16.74 -22.34 -6.47
CA AC5 G 4 -14.42 -22.20 -5.74
C AC5 G 4 -15.89 -21.62 -5.71
CB1 AC5 G 4 -14.07 -22.56 -7.14
CB2 AC5 G 4 -14.34 -23.42 -4.93
CG1 AC5 G 4 -13.08 -23.69 -6.98
CG2 AC5 G 4 -13.16 -24.16 -5.56
NAV 0XN G 5 -16.06 -20.49 -4.91
CBF 0XN G 5 -17.46 -20.04 -4.75
CBG 0XN G 5 -17.81 -20.10 -3.27
CBH 0XN G 5 -17.72 -18.70 -5.44
CBI 0XN G 5 -19.02 -18.21 -5.55
CBJ 0XN G 5 -19.24 -16.98 -6.20
CBK 0XN G 5 -18.17 -16.26 -6.73
CBL 0XN G 5 -16.87 -16.76 -6.61
CBM 0XN G 5 -16.65 -17.99 -5.97
CBN 0XN G 5 -19.00 -20.65 -2.83
CBO 0XN G 5 -19.25 -20.70 -1.45
CBP 0XN G 5 -18.32 -20.21 -0.53
CBQ 0XN G 5 -17.14 -19.66 -0.98
CBR 0XN G 5 -16.88 -19.62 -2.35
F01 0XN G 5 -18.38 -15.10 -7.34
F02 0XN G 5 -18.55 -20.24 0.78
CM ALQ H 1 32.68 -31.61 -26.64
CA ALQ H 1 33.48 -32.86 -26.91
CB ALQ H 1 33.08 -33.58 -28.20
C ALQ H 1 35.01 -32.72 -26.71
O ALQ H 1 35.31 -33.25 -25.51
CA 0XL H 2 37.21 -32.26 -27.69
C 0XL H 2 37.72 -32.06 -26.24
CAZ 0XL H 2 37.54 -33.69 -27.98
N 0XL H 2 35.70 -32.12 -27.76
O 0XL H 2 38.65 -33.00 -25.94
CBA 0XL H 2 37.90 -31.32 -28.63
CBD 0XL H 2 39.37 -31.38 -28.35
CBE 0XL H 2 37.62 -34.02 -29.44
N ARG H 3 37.10 -30.96 -25.65
CA ARG H 3 37.55 -30.58 -24.27
C ARG H 3 37.40 -31.71 -23.22
N AC5 H 4 36.31 -32.55 -23.47
O AC5 H 4 36.28 -35.48 -21.17
CA AC5 H 4 35.77 -33.51 -22.42
C AC5 H 4 36.61 -34.83 -22.29
CB1 AC5 H 4 35.74 -32.83 -21.10
CB2 AC5 H 4 34.38 -33.80 -22.79
CG1 AC5 H 4 34.41 -32.10 -21.13
CG2 AC5 H 4 33.67 -32.54 -22.36
NAV 0XN H 5 37.50 -34.98 -23.36
CBF 0XN H 5 38.41 -36.17 -23.40
CBG 0XN H 5 38.10 -36.86 -24.73
CBH 0XN H 5 39.84 -35.72 -23.08
CBI 0XN H 5 40.55 -36.37 -22.05
CBJ 0XN H 5 41.84 -35.96 -21.73
CBK 0XN H 5 42.42 -34.89 -22.41
CBL 0XN H 5 41.72 -34.23 -23.43
CBM 0XN H 5 40.42 -34.64 -23.76
CBN 0XN H 5 37.96 -38.23 -24.81
CBO 0XN H 5 37.61 -38.83 -26.03
CBP 0XN H 5 37.37 -38.03 -27.14
CBQ 0XN H 5 37.47 -36.65 -27.05
CBR 0XN H 5 37.82 -36.06 -25.84
F01 0XN H 5 43.65 -34.49 -22.10
F02 0XN H 5 37.05 -38.57 -28.32
#